data_6JUQ
#
_entry.id   6JUQ
#
_cell.length_a   86.151
_cell.length_b   57.244
_cell.length_c   110.793
_cell.angle_alpha   90.00
_cell.angle_beta   92.26
_cell.angle_gamma   90.00
#
_symmetry.space_group_name_H-M   'P 1 21 1'
#
loop_
_entity.id
_entity.type
_entity.pdbx_description
1 polymer 'DNA polymerase IV'
2 polymer "DNA (5'-D(P*CP*TP*GP*GP*GP*GP*TP*CP*CP*TP*AP*GP*GP*AP*CP*CP*C)-3')"
3 polymer "DNA (5'-D(P*GP*GP*GP*TP*CP*CP*TP*AP*GP*GP*AP*CP*CP*C)-3')"
4 polymer 'DNA polymerase IV'
5 polymer "DNA (5'-D(P*GP*GP*GP*GP*TP*CP*CP*TP*AP*GP*GP*AP*CP*CP*C)-3')"
6 non-polymer "5'-O-[(S)-hydroxy{[(S)-hydroxy(phosphonooxy)phosphoryl]methyl}phosphoryl]cytidine"
7 non-polymer 'MANGANESE (II) ION'
8 water water
#
loop_
_entity_poly.entity_id
_entity_poly.type
_entity_poly.pdbx_seq_one_letter_code
_entity_poly.pdbx_strand_id
1 'polypeptide(L)'
;GSRKIIHVDMDCFAAAVEMRDNPALRDIPIAIGGSRERRGVISCANYPARKFGVRSAMPTGMALKLCPHLTLLPGRFDAY
KEASNHIREIFSRYTSRIEPLSLDEAYLDVTDSVHCHGSATLIAQEIRQTIFNELQLTASAGVAPVKFLAKIASDMNKPN
GQFVITPAEVPAFLQTLPLAKIPGVGKVSAAKLEAMGLRTCGDVQKCDLVMLLKRFGKFGRILWERSQGIDERDVNSERL
RKSVGVERTMAEDIHHWSECEAIIERLYPELERRLAKVKPDLLIARQGVKLKFDDFQQTTQEHVWPRLNKADLIATARKT
WDERRGGRGVRLVGLHVTLLDP
;
F
2 'polydeoxyribonucleotide' (DC)(DT)(DG)(DG)(DG)(DG)(DT)(DC)(DC)(DT)(DA)(DG)(DG)(DA)(DC)(DC)(DC) G,B
3 'polydeoxyribonucleotide' (DG)(DG)(DG)(DT)(DC)(DC)(DT)(DA)(DG)(DG)(DA)(DC)(DC)(DC) H
4 'polypeptide(L)'
;SRKIIHVDMDCFAAAVEMRDNPALRDIPIAIGGSRERRGVISCANYPARKFGVRSAMPTGMALKLCPHLTLLPGRFDAYK
EASNHIREIFSRYTSRIEPLSLDEAYLDVTDSVHCHGSATLIAQEIRQTIFNELQLTASAGVAPVKFLAKIASDMNKPNG
QFVITPAEVPAFLQTLPLAKIPGVGKVSAAKLEAMGLRTCGDVQKCDLVMLLKRFGKFGRILWERSQGIDERDVNSERLR
KSVGVERTMAEDIHHWSECEAIIERLYPELERRLAKVKPDLLIARQGVKLKFDDFQQTTQEHVWPRLNKADLIATARKTW
DERRGGRGVRLVGLHVTLLDP
;
A
5 'polydeoxyribonucleotide' (DG)(DG)(DG)(DG)(DT)(DC)(DC)(DT)(DA)(DG)(DG)(DA)(DC)(DC)(DC) C
#
loop_
_chem_comp.id
_chem_comp.type
_chem_comp.name
_chem_comp.formula
2TM non-polymer 5'-O-[(S)-hydroxy{[(S)-hydroxy(phosphonooxy)phosphoryl]methyl}phosphoryl]cytidine 'C10 H18 N3 O13 P3'
DA DNA linking 2'-DEOXYADENOSINE-5'-MONOPHOSPHATE 'C10 H14 N5 O6 P'
DC DNA linking 2'-DEOXYCYTIDINE-5'-MONOPHOSPHATE 'C9 H14 N3 O7 P'
DG DNA linking 2'-DEOXYGUANOSINE-5'-MONOPHOSPHATE 'C10 H14 N5 O7 P'
DT DNA linking THYMIDINE-5'-MONOPHOSPHATE 'C10 H15 N2 O8 P'
MN non-polymer 'MANGANESE (II) ION' 'Mn 2'
#
# COMPACT_ATOMS: atom_id res chain seq x y z
N GLY A 1 -38.28 9.57 16.05
CA GLY A 1 -38.57 9.68 17.51
C GLY A 1 -37.44 9.06 18.33
N SER A 2 -37.82 8.34 19.38
CA SER A 2 -36.91 7.54 20.22
C SER A 2 -37.50 6.14 20.32
N ARG A 3 -36.83 5.15 19.72
CA ARG A 3 -37.39 3.79 19.64
C ARG A 3 -36.76 2.85 20.66
N LYS A 4 -37.36 1.67 20.82
CA LYS A 4 -36.77 0.64 21.64
C LYS A 4 -36.36 -0.58 20.82
N ILE A 5 -35.07 -0.81 20.67
CA ILE A 5 -34.53 -1.93 19.88
C ILE A 5 -33.94 -2.98 20.83
N ILE A 6 -34.07 -4.25 20.43
CA ILE A 6 -33.57 -5.39 21.20
C ILE A 6 -32.76 -6.31 20.27
N HIS A 7 -31.44 -6.19 20.29
CA HIS A 7 -30.58 -7.21 19.66
C HIS A 7 -30.47 -8.47 20.51
N VAL A 8 -31.11 -9.56 20.09
CA VAL A 8 -30.89 -10.90 20.65
C VAL A 8 -29.80 -11.64 19.86
N ASP A 9 -28.89 -12.31 20.58
CA ASP A 9 -27.75 -13.04 19.97
C ASP A 9 -27.49 -14.31 20.75
N MET A 10 -27.61 -15.46 20.06
CA MET A 10 -27.33 -16.76 20.70
C MET A 10 -25.86 -16.91 21.02
N ASP A 11 -25.57 -17.34 22.24
CA ASP A 11 -24.20 -17.44 22.71
C ASP A 11 -23.66 -18.67 22.09
N CYS A 12 -22.52 -18.52 21.39
CA CYS A 12 -21.78 -19.53 20.66
C CYS A 12 -22.68 -20.64 20.30
N PHE A 13 -23.42 -20.29 19.24
CA PHE A 13 -24.63 -20.92 18.81
C PHE A 13 -24.46 -22.33 18.36
N ALA A 14 -23.66 -22.52 17.31
CA ALA A 14 -23.47 -23.85 16.73
C ALA A 14 -22.84 -24.78 17.75
N ALA A 15 -21.97 -24.26 18.61
CA ALA A 15 -21.34 -25.08 19.67
C ALA A 15 -22.36 -25.50 20.71
N ALA A 16 -23.25 -24.58 21.11
CA ALA A 16 -24.24 -24.88 22.15
C ALA A 16 -25.18 -26.01 21.74
N VAL A 17 -25.58 -26.01 20.47
CA VAL A 17 -26.53 -27.03 20.00
C VAL A 17 -25.88 -28.41 19.98
N GLU A 18 -24.56 -28.45 19.82
CA GLU A 18 -23.84 -29.72 19.91
C GLU A 18 -23.76 -30.20 21.36
N MET A 19 -23.46 -29.29 22.28
CA MET A 19 -23.30 -29.65 23.69
C MET A 19 -24.62 -30.13 24.28
N ARG A 20 -25.75 -29.65 23.76
CA ARG A 20 -27.02 -30.06 24.35
C ARG A 20 -27.40 -31.47 23.91
N ASP A 21 -27.34 -31.73 22.61
CA ASP A 21 -27.68 -33.07 22.09
C ASP A 21 -26.59 -34.10 22.37
N ASN A 22 -25.44 -33.64 22.87
CA ASN A 22 -24.39 -34.55 23.35
C ASN A 22 -23.74 -33.92 24.58
N PRO A 23 -24.28 -34.21 25.77
CA PRO A 23 -23.75 -33.59 27.00
C PRO A 23 -22.30 -33.96 27.32
N ALA A 24 -21.73 -34.93 26.60
CA ALA A 24 -20.35 -35.29 26.84
C ALA A 24 -19.41 -34.14 26.48
N LEU A 25 -19.84 -33.28 25.55
CA LEU A 25 -19.03 -32.17 25.10
C LEU A 25 -19.19 -30.93 25.99
N ARG A 26 -19.96 -31.03 27.08
CA ARG A 26 -20.35 -29.85 27.85
C ARG A 26 -19.18 -29.11 28.48
N ASP A 27 -18.12 -29.85 28.84
CA ASP A 27 -17.01 -29.22 29.56
C ASP A 27 -15.64 -29.43 28.92
N ILE A 28 -15.57 -30.15 27.80
CA ILE A 28 -14.31 -30.41 27.08
C ILE A 28 -14.22 -29.50 25.84
N PRO A 29 -13.03 -28.99 25.50
CA PRO A 29 -12.96 -28.03 24.38
C PRO A 29 -13.46 -28.60 23.05
N ILE A 30 -14.40 -27.89 22.43
CA ILE A 30 -14.97 -28.26 21.15
C ILE A 30 -15.06 -27.06 20.25
N ALA A 31 -14.96 -27.34 18.95
CA ALA A 31 -15.11 -26.33 17.95
C ALA A 31 -15.84 -26.94 16.73
N ILE A 32 -16.55 -26.07 16.01
CA ILE A 32 -17.03 -26.36 14.69
C ILE A 32 -16.10 -25.67 13.72
N GLY A 33 -15.53 -26.45 12.80
CA GLY A 33 -14.62 -25.94 11.80
C GLY A 33 -14.10 -27.04 10.92
N GLY A 34 -13.62 -26.65 9.74
CA GLY A 34 -13.02 -27.58 8.82
C GLY A 34 -11.68 -28.07 9.33
N SER A 35 -11.44 -29.36 9.16
CA SER A 35 -10.19 -29.97 9.64
C SER A 35 -8.97 -29.39 8.94
N ARG A 36 -7.83 -29.37 9.61
CA ARG A 36 -6.62 -28.76 9.07
C ARG A 36 -6.12 -29.50 7.85
N GLU A 37 -6.44 -30.79 7.75
CA GLU A 37 -6.18 -31.57 6.53
C GLU A 37 -6.80 -30.90 5.30
N ARG A 38 -7.92 -30.22 5.50
CA ARG A 38 -8.68 -29.57 4.42
C ARG A 38 -8.44 -28.08 4.36
N ARG A 39 -7.54 -27.55 5.16
CA ARG A 39 -7.25 -26.11 5.24
C ARG A 39 -8.41 -25.34 5.86
N GLY A 40 -9.20 -25.97 6.72
CA GLY A 40 -10.39 -25.35 7.28
C GLY A 40 -10.16 -24.20 8.25
N VAL A 41 -11.26 -23.69 8.80
CA VAL A 41 -11.20 -22.68 9.86
C VAL A 41 -12.30 -22.95 10.86
N ILE A 42 -12.20 -22.29 12.02
CA ILE A 42 -13.16 -22.46 13.10
C ILE A 42 -14.36 -21.57 12.89
N SER A 43 -15.54 -22.16 12.99
CA SER A 43 -16.80 -21.43 12.87
C SER A 43 -17.04 -20.88 14.25
N CYS A 44 -17.35 -21.77 15.20
CA CYS A 44 -17.52 -21.36 16.56
C CYS A 44 -16.88 -22.31 17.54
N ALA A 45 -16.74 -21.91 18.80
CA ALA A 45 -16.08 -22.71 19.84
C ALA A 45 -16.76 -22.51 21.17
N ASN A 46 -16.89 -23.56 21.95
CA ASN A 46 -17.41 -23.44 23.31
C ASN A 46 -16.47 -22.57 24.18
N TYR A 47 -16.89 -22.26 25.40
CA TYR A 47 -16.05 -21.48 26.29
C TYR A 47 -14.80 -22.24 26.82
N PRO A 48 -14.91 -23.56 27.12
CA PRO A 48 -13.66 -24.27 27.44
C PRO A 48 -12.57 -24.08 26.36
N ALA A 49 -12.97 -24.00 25.08
CA ALA A 49 -12.00 -23.78 24.00
C ALA A 49 -11.52 -22.33 23.88
N ARG A 50 -12.41 -21.35 24.03
CA ARG A 50 -11.98 -19.96 23.98
C ARG A 50 -10.97 -19.63 25.08
N LYS A 51 -10.92 -20.47 26.11
CA LYS A 51 -9.87 -20.39 27.14
C LYS A 51 -8.50 -20.36 26.59
N PHE A 52 -8.28 -21.29 25.68
CA PHE A 52 -7.04 -21.54 25.06
C PHE A 52 -6.70 -20.48 24.06
N GLY A 53 -7.70 -19.73 23.66
CA GLY A 53 -7.51 -18.67 22.70
C GLY A 53 -8.09 -18.92 21.34
N VAL A 54 -8.89 -19.96 21.18
CA VAL A 54 -9.48 -20.21 19.87
C VAL A 54 -10.75 -19.35 19.69
N ARG A 55 -10.79 -18.59 18.61
CA ARG A 55 -11.91 -17.76 18.20
C ARG A 55 -12.38 -18.12 16.80
N SER A 56 -13.59 -17.66 16.45
CA SER A 56 -14.14 -17.83 15.12
C SER A 56 -13.23 -17.24 14.05
N ALA A 57 -13.29 -17.82 12.84
CA ALA A 57 -12.46 -17.38 11.74
C ALA A 57 -10.98 -17.62 11.98
N MET A 58 -10.65 -18.50 12.91
CA MET A 58 -9.27 -18.88 13.12
C MET A 58 -9.00 -20.11 12.26
N PRO A 59 -7.85 -20.15 11.59
CA PRO A 59 -7.43 -21.39 10.91
C PRO A 59 -7.30 -22.54 11.86
N THR A 60 -7.81 -23.71 11.48
CA THR A 60 -7.81 -24.89 12.36
C THR A 60 -6.41 -25.29 12.80
N GLY A 61 -5.41 -25.06 11.95
CA GLY A 61 -4.01 -25.27 12.29
C GLY A 61 -3.59 -24.56 13.56
N MET A 62 -4.10 -23.37 13.76
CA MET A 62 -3.77 -22.62 14.94
C MET A 62 -4.64 -22.95 16.13
N ALA A 63 -5.88 -23.33 15.87
CA ALA A 63 -6.79 -23.74 16.94
C ALA A 63 -6.27 -24.95 17.75
N LEU A 64 -5.43 -25.76 17.10
CA LEU A 64 -4.89 -26.98 17.71
C LEU A 64 -3.49 -26.76 18.24
N LYS A 65 -2.87 -25.66 17.81
CA LYS A 65 -1.54 -25.31 18.27
C LYS A 65 -1.67 -24.72 19.67
N LEU A 66 -2.80 -24.08 19.91
CA LEU A 66 -3.10 -23.49 21.21
C LEU A 66 -4.05 -24.37 22.03
N CYS A 67 -4.67 -25.39 21.40
CA CYS A 67 -5.58 -26.23 22.18
C CYS A 67 -5.56 -27.61 21.53
N PRO A 68 -4.57 -28.43 21.91
CA PRO A 68 -4.38 -29.68 21.19
C PRO A 68 -5.51 -30.70 21.39
N HIS A 69 -6.10 -30.72 22.58
CA HIS A 69 -7.11 -31.72 22.85
C HIS A 69 -8.47 -31.31 22.32
N LEU A 70 -8.50 -30.24 21.51
CA LEU A 70 -9.70 -29.71 20.86
C LEU A 70 -10.46 -30.77 20.07
N THR A 71 -11.69 -31.04 20.46
CA THR A 71 -12.56 -31.88 19.67
C THR A 71 -13.20 -31.07 18.54
N LEU A 72 -13.00 -31.55 17.31
CA LEU A 72 -13.39 -30.82 16.10
C LEU A 72 -14.61 -31.43 15.48
N LEU A 73 -15.69 -30.68 15.43
CA LEU A 73 -16.83 -31.30 14.76
C LEU A 73 -17.08 -30.66 13.39
N PRO A 74 -17.71 -31.40 12.45
CA PRO A 74 -17.94 -30.82 11.15
C PRO A 74 -19.07 -29.80 11.15
N GLY A 75 -20.17 -30.12 11.85
CA GLY A 75 -21.32 -29.26 11.93
C GLY A 75 -22.56 -29.81 11.27
N ARG A 76 -23.71 -29.59 11.91
CA ARG A 76 -25.02 -30.00 11.39
C ARG A 76 -25.92 -28.78 11.24
N PHE A 77 -26.40 -28.54 10.04
CA PHE A 77 -27.04 -27.27 9.70
C PHE A 77 -28.45 -27.12 10.29
N ASP A 78 -29.33 -28.06 9.97
CA ASP A 78 -30.71 -28.01 10.47
C ASP A 78 -30.74 -27.91 12.00
N ALA A 79 -29.87 -28.69 12.64
CA ALA A 79 -29.78 -28.68 14.06
C ALA A 79 -29.59 -27.25 14.55
N TYR A 80 -28.84 -26.47 13.78
CA TYR A 80 -28.76 -25.03 13.95
C TYR A 80 -29.94 -24.31 13.29
N LYS A 81 -30.39 -24.81 12.13
CA LYS A 81 -31.51 -24.22 11.40
C LYS A 81 -32.82 -24.39 12.15
N GLU A 82 -33.15 -25.63 12.53
CA GLU A 82 -34.38 -25.85 13.29
C GLU A 82 -34.40 -25.02 14.57
N ALA A 83 -33.27 -24.96 15.25
CA ALA A 83 -33.18 -24.13 16.46
C ALA A 83 -33.44 -22.67 16.11
N SER A 84 -32.92 -22.23 14.96
CA SER A 84 -33.07 -20.82 14.56
C SER A 84 -34.47 -20.52 14.04
N ASN A 85 -35.18 -21.56 13.59
CA ASN A 85 -36.62 -21.41 13.33
C ASN A 85 -37.39 -21.08 14.61
N HIS A 86 -37.14 -21.84 15.66
CA HIS A 86 -37.86 -21.69 16.90
C HIS A 86 -37.68 -20.27 17.49
N ILE A 87 -36.44 -19.81 17.55
CA ILE A 87 -36.19 -18.51 18.17
C ILE A 87 -36.93 -17.42 17.43
N ARG A 88 -37.02 -17.56 16.11
CA ARG A 88 -37.75 -16.59 15.28
C ARG A 88 -39.23 -16.66 15.56
N GLU A 89 -39.78 -17.85 15.73
CA GLU A 89 -41.17 -18.00 16.17
C GLU A 89 -41.38 -17.34 17.54
N ILE A 90 -40.36 -17.41 18.40
CA ILE A 90 -40.50 -16.85 19.73
C ILE A 90 -40.52 -15.33 19.64
N PHE A 91 -39.67 -14.76 18.78
CA PHE A 91 -39.78 -13.34 18.50
C PHE A 91 -41.16 -12.98 17.96
N SER A 92 -41.70 -13.83 17.08
CA SER A 92 -43.00 -13.55 16.45
C SER A 92 -44.11 -13.31 17.50
N ARG A 93 -43.97 -13.91 18.68
CA ARG A 93 -44.99 -13.77 19.71
C ARG A 93 -45.00 -12.38 20.35
N TYR A 94 -43.96 -11.58 20.13
CA TYR A 94 -43.79 -10.30 20.80
C TYR A 94 -43.84 -9.12 19.85
N THR A 95 -43.41 -9.33 18.61
CA THR A 95 -43.51 -8.31 17.55
C THR A 95 -43.46 -8.99 16.21
N SER A 96 -43.94 -8.28 15.20
CA SER A 96 -43.75 -8.70 13.81
C SER A 96 -42.54 -8.01 13.20
N ARG A 97 -41.97 -7.01 13.87
CA ARG A 97 -40.88 -6.20 13.35
C ARG A 97 -39.51 -6.84 13.69
N ILE A 98 -39.22 -7.91 12.96
CA ILE A 98 -38.10 -8.80 13.20
C ILE A 98 -37.17 -8.77 11.98
N GLU A 99 -35.96 -8.25 12.18
CA GLU A 99 -34.90 -8.29 11.14
C GLU A 99 -33.91 -9.41 11.51
N PRO A 100 -34.06 -10.59 10.89
CA PRO A 100 -33.12 -11.64 11.16
C PRO A 100 -31.79 -11.38 10.51
N LEU A 101 -30.75 -11.38 11.32
CA LEU A 101 -29.39 -11.24 10.83
C LEU A 101 -28.79 -12.61 11.09
N SER A 102 -28.33 -13.27 10.03
CA SER A 102 -27.74 -14.63 10.15
C SER A 102 -28.71 -15.61 10.87
N LEU A 103 -28.19 -16.71 11.37
CA LEU A 103 -29.05 -17.71 12.00
C LEU A 103 -29.30 -17.44 13.45
N ASP A 104 -28.29 -16.92 14.18
CA ASP A 104 -28.40 -16.74 15.62
C ASP A 104 -28.81 -15.32 16.05
N GLU A 105 -28.91 -14.41 15.09
CA GLU A 105 -29.21 -13.03 15.45
C GLU A 105 -30.55 -12.50 14.95
N ALA A 106 -30.99 -11.43 15.59
CA ALA A 106 -32.22 -10.77 15.26
C ALA A 106 -32.29 -9.37 15.88
N TYR A 107 -32.47 -8.35 15.06
CA TYR A 107 -32.94 -7.05 15.57
C TYR A 107 -34.45 -7.11 15.79
N LEU A 108 -34.91 -6.58 16.92
CA LEU A 108 -36.33 -6.46 17.25
C LEU A 108 -36.69 -5.04 17.63
N ASP A 109 -37.63 -4.42 16.91
CA ASP A 109 -38.21 -3.12 17.30
C ASP A 109 -39.48 -3.41 18.09
N VAL A 110 -39.55 -2.88 19.30
CA VAL A 110 -40.65 -3.17 20.23
C VAL A 110 -41.29 -1.89 20.74
N THR A 111 -40.83 -0.73 20.26
CA THR A 111 -41.44 0.60 20.53
C THR A 111 -42.97 0.59 20.67
N ASP A 112 -43.63 -0.13 19.76
CA ASP A 112 -45.08 -0.25 19.83
C ASP A 112 -45.50 -1.67 20.22
N SER A 113 -45.13 -2.06 21.44
CA SER A 113 -45.60 -3.31 22.05
C SER A 113 -45.85 -3.03 23.53
N VAL A 114 -46.93 -3.62 24.06
CA VAL A 114 -47.30 -3.51 25.48
C VAL A 114 -47.34 -4.88 26.17
N HIS A 115 -46.50 -5.81 25.68
CA HIS A 115 -46.42 -7.15 26.25
C HIS A 115 -46.01 -7.10 27.71
N CYS A 116 -44.95 -6.34 27.98
CA CYS A 116 -44.46 -6.23 29.34
C CYS A 116 -44.59 -4.80 29.84
N HIS A 117 -45.81 -4.26 29.81
CA HIS A 117 -46.10 -2.89 30.21
C HIS A 117 -45.12 -1.90 29.58
N GLY A 118 -44.78 -2.16 28.30
CA GLY A 118 -43.89 -1.29 27.55
C GLY A 118 -42.47 -1.18 28.05
N SER A 119 -41.98 -2.20 28.78
CA SER A 119 -40.58 -2.22 29.22
C SER A 119 -39.82 -3.19 28.35
N ALA A 120 -38.96 -2.65 27.49
CA ALA A 120 -38.08 -3.48 26.68
C ALA A 120 -37.22 -4.41 27.53
N THR A 121 -36.83 -4.00 28.75
CA THR A 121 -35.90 -4.81 29.55
C THR A 121 -36.50 -6.14 29.96
N LEU A 122 -37.81 -6.17 30.15
CA LEU A 122 -38.44 -7.45 30.51
C LEU A 122 -38.69 -8.28 29.31
N ILE A 123 -39.14 -7.64 28.23
CA ILE A 123 -39.41 -8.36 26.99
C ILE A 123 -38.15 -9.14 26.60
N ALA A 124 -37.00 -8.46 26.66
CA ALA A 124 -35.74 -9.12 26.40
C ALA A 124 -35.51 -10.28 27.39
N GLN A 125 -35.60 -9.99 28.69
CA GLN A 125 -35.53 -11.01 29.71
C GLN A 125 -36.48 -12.20 29.43
N GLU A 126 -37.65 -11.93 28.86
CA GLU A 126 -38.63 -13.00 28.57
C GLU A 126 -38.17 -13.91 27.44
N ILE A 127 -37.79 -13.31 26.34
CA ILE A 127 -37.35 -14.07 25.17
C ILE A 127 -36.15 -14.93 25.57
N ARG A 128 -35.19 -14.34 26.27
CA ARG A 128 -34.02 -15.08 26.73
C ARG A 128 -34.46 -16.28 27.58
N GLN A 129 -35.51 -16.11 28.40
CA GLN A 129 -35.93 -17.20 29.24
C GLN A 129 -36.74 -18.26 28.49
N THR A 130 -37.66 -17.81 27.63
CA THR A 130 -38.53 -18.76 26.93
C THR A 130 -37.78 -19.51 25.82
N ILE A 131 -36.73 -18.89 25.27
CA ILE A 131 -35.81 -19.64 24.40
C ILE A 131 -35.13 -20.75 25.18
N PHE A 132 -34.58 -20.41 26.34
CA PHE A 132 -33.96 -21.40 27.22
C PHE A 132 -34.91 -22.55 27.53
N ASN A 133 -36.15 -22.22 27.88
CA ASN A 133 -37.05 -23.24 28.42
C ASN A 133 -37.46 -24.27 27.38
N GLU A 134 -37.52 -23.87 26.11
CA GLU A 134 -38.00 -24.78 25.06
C GLU A 134 -36.91 -25.34 24.14
N LEU A 135 -35.81 -24.61 23.96
CA LEU A 135 -34.69 -25.10 23.18
C LEU A 135 -33.47 -25.52 23.99
N GLN A 136 -33.49 -25.22 25.29
CA GLN A 136 -32.38 -25.59 26.21
C GLN A 136 -31.08 -24.95 25.75
N LEU A 137 -31.20 -23.77 25.14
CA LEU A 137 -30.03 -23.00 24.75
C LEU A 137 -30.16 -21.63 25.36
N THR A 138 -29.04 -20.97 25.58
CA THR A 138 -29.08 -19.66 26.22
C THR A 138 -28.85 -18.57 25.21
N ALA A 139 -29.43 -17.40 25.47
CA ALA A 139 -29.29 -16.28 24.56
C ALA A 139 -28.91 -15.04 25.35
N SER A 140 -28.49 -14.00 24.61
CA SER A 140 -28.06 -12.75 25.21
C SER A 140 -28.65 -11.58 24.45
N ALA A 141 -28.85 -10.46 25.15
CA ALA A 141 -29.65 -9.37 24.64
C ALA A 141 -28.97 -8.03 24.82
N GLY A 142 -29.33 -7.08 23.95
CA GLY A 142 -28.82 -5.73 24.04
C GLY A 142 -30.00 -4.80 23.75
N VAL A 143 -30.31 -3.89 24.70
CA VAL A 143 -31.38 -2.94 24.57
C VAL A 143 -30.82 -1.54 24.37
N ALA A 144 -31.31 -0.84 23.33
CA ALA A 144 -30.78 0.46 23.03
C ALA A 144 -31.77 1.24 22.19
N PRO A 145 -31.63 2.57 22.09
CA PRO A 145 -32.49 3.35 21.20
C PRO A 145 -32.24 3.19 19.71
N VAL A 146 -31.17 2.55 19.29
CA VAL A 146 -30.80 2.44 17.89
C VAL A 146 -30.21 1.05 17.63
N LYS A 147 -29.95 0.76 16.35
CA LYS A 147 -29.59 -0.58 15.92
C LYS A 147 -28.18 -1.00 16.35
N PHE A 148 -27.18 -0.14 16.13
CA PHE A 148 -25.81 -0.56 16.38
C PHE A 148 -25.47 -0.67 17.85
N LEU A 149 -26.03 0.23 18.69
CA LEU A 149 -25.83 0.11 20.16
C LEU A 149 -26.53 -1.11 20.72
N ALA A 150 -27.74 -1.41 20.26
CA ALA A 150 -28.39 -2.65 20.75
C ALA A 150 -27.49 -3.84 20.44
N LYS A 151 -26.77 -3.83 19.31
CA LYS A 151 -25.90 -4.97 18.99
C LYS A 151 -24.65 -5.00 19.90
N ILE A 152 -23.95 -3.85 20.00
CA ILE A 152 -22.81 -3.75 20.92
C ILE A 152 -23.19 -4.22 22.34
N ALA A 153 -24.30 -3.74 22.88
CA ALA A 153 -24.73 -4.18 24.18
C ALA A 153 -25.02 -5.68 24.27
N SER A 154 -25.28 -6.34 23.15
CA SER A 154 -25.58 -7.76 23.25
C SER A 154 -24.34 -8.59 23.57
N ASP A 155 -23.18 -8.06 23.19
CA ASP A 155 -21.91 -8.67 23.48
C ASP A 155 -21.31 -8.11 24.78
N MET A 156 -21.94 -7.07 25.30
CA MET A 156 -21.49 -6.38 26.53
C MET A 156 -21.45 -7.31 27.73
N ASN A 157 -22.59 -7.92 28.03
CA ASN A 157 -22.73 -8.85 29.16
C ASN A 157 -22.29 -10.25 28.75
N LYS A 158 -22.29 -10.47 27.44
CA LYS A 158 -21.86 -11.71 26.80
C LYS A 158 -22.60 -13.04 27.05
N PRO A 159 -22.17 -13.80 28.05
CA PRO A 159 -22.77 -15.16 28.22
C PRO A 159 -24.02 -15.12 29.09
N ASN A 160 -25.14 -15.56 28.51
CA ASN A 160 -26.45 -15.64 29.19
C ASN A 160 -26.74 -14.43 30.07
N GLY A 161 -26.77 -13.26 29.45
CA GLY A 161 -27.07 -12.00 30.13
C GLY A 161 -27.54 -10.92 29.16
N GLN A 162 -27.96 -9.79 29.71
CA GLN A 162 -28.29 -8.65 28.87
C GLN A 162 -27.63 -7.37 29.39
N PHE A 163 -27.82 -6.30 28.64
CA PHE A 163 -27.21 -5.02 28.93
C PHE A 163 -28.01 -3.93 28.24
N VAL A 164 -28.46 -2.93 29.01
CA VAL A 164 -29.35 -1.91 28.56
C VAL A 164 -28.67 -0.55 28.54
N ILE A 165 -28.94 0.20 27.48
CA ILE A 165 -28.36 1.52 27.26
C ILE A 165 -29.53 2.47 27.00
N THR A 166 -29.80 3.35 27.97
CA THR A 166 -30.81 4.36 27.84
C THR A 166 -30.22 5.61 27.20
N PRO A 167 -31.11 6.50 26.65
CA PRO A 167 -30.58 7.69 25.96
C PRO A 167 -29.70 8.59 26.82
N ALA A 168 -29.95 8.60 28.13
CA ALA A 168 -29.11 9.34 29.08
C ALA A 168 -27.72 8.68 29.26
N GLU A 169 -27.66 7.36 29.18
CA GLU A 169 -26.36 6.69 29.23
C GLU A 169 -25.55 6.87 27.93
N VAL A 170 -26.21 7.17 26.81
CA VAL A 170 -25.53 7.08 25.52
C VAL A 170 -24.26 7.95 25.44
N PRO A 171 -24.34 9.26 25.79
CA PRO A 171 -23.16 10.10 25.46
C PRO A 171 -21.90 9.69 26.18
N ALA A 172 -22.03 9.17 27.41
CA ALA A 172 -20.89 8.66 28.15
C ALA A 172 -20.39 7.36 27.53
N PHE A 173 -21.30 6.39 27.35
CA PHE A 173 -20.98 5.14 26.64
C PHE A 173 -20.16 5.35 25.37
N LEU A 174 -20.49 6.35 24.55
CA LEU A 174 -19.75 6.56 23.30
C LEU A 174 -18.44 7.31 23.46
N GLN A 175 -18.18 7.89 24.62
CA GLN A 175 -16.88 8.57 24.80
C GLN A 175 -15.75 7.57 24.75
N THR A 176 -15.96 6.43 25.41
CA THR A 176 -14.88 5.44 25.58
C THR A 176 -14.98 4.32 24.55
N LEU A 177 -16.07 4.29 23.78
CA LEU A 177 -16.26 3.20 22.82
C LEU A 177 -15.25 3.25 21.67
N PRO A 178 -14.49 2.17 21.47
CA PRO A 178 -13.54 2.12 20.35
C PRO A 178 -14.25 1.91 19.02
N LEU A 179 -13.75 2.58 17.99
CA LEU A 179 -14.32 2.48 16.65
C LEU A 179 -14.45 1.04 16.16
N ALA A 180 -13.56 0.15 16.59
CA ALA A 180 -13.58 -1.21 16.08
C ALA A 180 -14.80 -2.04 16.52
N LYS A 181 -15.50 -1.63 17.55
CA LYS A 181 -16.67 -2.38 17.99
C LYS A 181 -17.94 -1.93 17.23
N ILE A 182 -17.83 -0.83 16.48
CA ILE A 182 -18.97 -0.41 15.70
C ILE A 182 -19.12 -1.39 14.55
N PRO A 183 -20.24 -2.12 14.48
CA PRO A 183 -20.38 -3.09 13.38
C PRO A 183 -20.17 -2.33 12.05
N GLY A 184 -19.44 -2.99 11.16
CA GLY A 184 -18.98 -2.40 9.91
C GLY A 184 -17.63 -1.75 9.90
N VAL A 185 -17.04 -1.48 11.07
CA VAL A 185 -15.65 -1.05 11.16
C VAL A 185 -14.81 -2.25 11.53
N GLY A 186 -14.27 -2.91 10.51
CA GLY A 186 -13.42 -4.07 10.75
C GLY A 186 -11.95 -3.68 10.81
N LYS A 187 -11.09 -4.65 10.48
CA LYS A 187 -9.68 -4.55 10.77
C LYS A 187 -9.00 -3.43 9.98
N VAL A 188 -9.29 -3.35 8.69
CA VAL A 188 -8.50 -2.49 7.81
C VAL A 188 -8.74 -1.03 8.19
N SER A 189 -10.00 -0.64 8.29
CA SER A 189 -10.35 0.74 8.62
C SER A 189 -9.97 1.09 10.03
N ALA A 190 -10.24 0.19 10.96
CA ALA A 190 -9.76 0.40 12.34
C ALA A 190 -8.27 0.76 12.37
N ALA A 191 -7.48 0.04 11.58
CA ALA A 191 -6.06 0.33 11.44
C ALA A 191 -5.81 1.71 10.79
N LYS A 192 -6.70 2.15 9.92
CA LYS A 192 -6.47 3.39 9.19
C LYS A 192 -6.88 4.61 10.02
N LEU A 193 -8.12 4.65 10.46
CA LEU A 193 -8.50 5.69 11.42
C LEU A 193 -7.89 5.34 12.74
N GLU A 194 -6.70 5.89 12.97
CA GLU A 194 -5.78 5.53 14.08
C GLU A 194 -4.40 5.88 13.59
N ALA A 195 -4.15 5.63 12.31
CA ALA A 195 -3.12 6.37 11.60
C ALA A 195 -3.46 7.85 11.51
N MET A 196 -4.71 8.21 11.79
CA MET A 196 -5.12 9.60 11.95
C MET A 196 -5.43 9.95 13.40
N GLY A 197 -5.28 9.00 14.32
CA GLY A 197 -5.45 9.22 15.75
C GLY A 197 -6.81 8.88 16.32
N LEU A 198 -7.70 8.31 15.53
CA LEU A 198 -9.08 8.13 15.95
C LEU A 198 -9.23 6.69 16.42
N ARG A 199 -9.32 6.51 17.72
CA ARG A 199 -9.48 5.18 18.30
C ARG A 199 -10.88 4.99 18.88
N THR A 200 -11.39 6.03 19.51
CA THR A 200 -12.75 6.06 20.09
C THR A 200 -13.66 7.07 19.37
N CYS A 201 -14.95 6.87 19.53
CA CYS A 201 -15.94 7.79 19.04
C CYS A 201 -15.63 9.24 19.45
N GLY A 202 -15.51 9.48 20.75
CA GLY A 202 -15.16 10.81 21.26
C GLY A 202 -14.05 11.51 20.47
N ASP A 203 -13.10 10.74 19.93
CA ASP A 203 -12.07 11.34 19.06
C ASP A 203 -12.64 11.79 17.74
N VAL A 204 -13.61 11.05 17.24
CA VAL A 204 -14.29 11.39 15.97
C VAL A 204 -15.27 12.53 16.19
N GLN A 205 -15.88 12.58 17.37
CA GLN A 205 -16.84 13.61 17.70
C GLN A 205 -16.22 15.01 17.62
N LYS A 206 -14.92 15.09 17.87
CA LYS A 206 -14.21 16.36 17.82
C LYS A 206 -13.55 16.59 16.47
N CYS A 207 -13.86 15.71 15.51
CA CYS A 207 -13.29 15.82 14.17
C CYS A 207 -14.23 16.56 13.23
N ASP A 208 -13.76 16.78 11.99
CA ASP A 208 -14.56 17.48 11.00
C ASP A 208 -15.21 16.49 10.03
N LEU A 209 -16.46 16.74 9.68
CA LEU A 209 -17.20 15.88 8.77
C LEU A 209 -16.87 16.12 7.30
N VAL A 210 -16.56 17.35 6.92
CA VAL A 210 -16.18 17.67 5.54
C VAL A 210 -15.00 16.82 5.12
N MET A 211 -14.02 16.69 6.02
CA MET A 211 -12.84 15.90 5.69
C MET A 211 -13.11 14.39 5.77
N LEU A 212 -13.94 13.95 6.71
CA LEU A 212 -14.26 12.53 6.81
C LEU A 212 -15.05 11.99 5.61
N LEU A 213 -15.70 12.88 4.85
CA LEU A 213 -16.25 12.47 3.56
C LEU A 213 -15.21 12.53 2.45
N LYS A 214 -14.13 13.27 2.68
CA LYS A 214 -12.99 13.23 1.78
C LYS A 214 -12.20 11.94 1.94
N ARG A 215 -11.73 11.65 3.15
CA ARG A 215 -10.87 10.50 3.40
C ARG A 215 -11.61 9.17 3.30
N PHE A 216 -12.93 9.19 3.52
CA PHE A 216 -13.68 7.95 3.57
C PHE A 216 -14.93 7.96 2.73
N GLY A 217 -15.29 9.10 2.14
CA GLY A 217 -16.52 9.14 1.35
C GLY A 217 -17.73 8.86 2.22
N LYS A 218 -18.65 8.03 1.71
CA LYS A 218 -19.92 7.77 2.38
C LYS A 218 -19.70 7.15 3.75
N PHE A 219 -18.72 6.27 3.82
CA PHE A 219 -18.40 5.61 5.10
C PHE A 219 -18.04 6.63 6.20
N GLY A 220 -17.44 7.76 5.86
CA GLY A 220 -17.19 8.80 6.85
C GLY A 220 -18.46 9.38 7.46
N ARG A 221 -19.54 9.38 6.71
CA ARG A 221 -20.79 9.85 7.24
C ARG A 221 -21.30 8.85 8.29
N ILE A 222 -21.30 7.54 7.93
CA ILE A 222 -21.85 6.53 8.83
C ILE A 222 -21.05 6.50 10.15
N LEU A 223 -19.74 6.61 9.98
CA LEU A 223 -18.83 6.75 11.11
C LEU A 223 -19.21 7.96 11.99
N TRP A 224 -19.29 9.10 11.34
CA TRP A 224 -19.65 10.34 12.04
C TRP A 224 -21.02 10.24 12.73
N GLU A 225 -21.99 9.58 12.10
CA GLU A 225 -23.32 9.57 12.67
C GLU A 225 -23.38 8.77 13.98
N ARG A 226 -22.55 7.71 14.07
CA ARG A 226 -22.60 6.83 15.25
C ARG A 226 -21.56 7.15 16.29
N SER A 227 -20.37 7.61 15.90
CA SER A 227 -19.57 8.38 16.87
C SER A 227 -20.45 9.43 17.60
N GLN A 228 -21.58 9.79 17.00
CA GLN A 228 -22.69 10.58 17.56
C GLN A 228 -23.85 9.71 18.01
N GLY A 229 -23.77 8.42 17.81
CA GLY A 229 -24.83 7.49 18.18
C GLY A 229 -26.18 7.69 17.45
N ILE A 230 -26.18 8.52 16.39
CA ILE A 230 -27.27 8.52 15.42
C ILE A 230 -27.21 7.27 14.52
N ASP A 231 -28.37 6.63 14.36
CA ASP A 231 -28.54 5.47 13.53
C ASP A 231 -30.03 5.36 13.20
N GLU A 232 -30.39 5.89 12.03
CA GLU A 232 -31.78 5.96 11.59
C GLU A 232 -32.31 4.67 10.99
N ARG A 233 -31.42 3.72 10.70
CA ARG A 233 -31.81 2.47 10.06
C ARG A 233 -32.98 1.82 10.79
N ASP A 234 -34.00 1.48 10.06
CA ASP A 234 -35.20 0.88 10.58
C ASP A 234 -35.08 -0.63 10.54
N VAL A 235 -35.65 -1.28 11.55
CA VAL A 235 -35.77 -2.74 11.55
C VAL A 235 -36.64 -3.17 10.39
N ASN A 236 -36.00 -3.72 9.35
CA ASN A 236 -36.72 -4.20 8.17
C ASN A 236 -36.88 -5.71 8.23
N SER A 237 -38.13 -6.16 8.18
CA SER A 237 -38.46 -7.57 8.20
C SER A 237 -38.72 -8.14 6.81
N GLU A 238 -38.43 -7.38 5.76
CA GLU A 238 -38.83 -7.76 4.40
C GLU A 238 -37.69 -8.17 3.50
N ARG A 239 -36.45 -8.06 3.98
CA ARG A 239 -35.28 -8.33 3.17
C ARG A 239 -35.26 -9.76 2.71
N LEU A 240 -34.80 -9.97 1.47
CA LEU A 240 -34.82 -11.29 0.83
C LEU A 240 -33.45 -11.68 0.33
N ARG A 241 -33.29 -12.96 0.02
CA ARG A 241 -31.98 -13.39 -0.50
C ARG A 241 -31.79 -12.93 -1.95
N LYS A 242 -30.67 -12.26 -2.22
CA LYS A 242 -30.30 -11.78 -3.56
C LYS A 242 -29.35 -12.62 -4.40
N SER A 243 -28.90 -13.77 -3.92
CA SER A 243 -27.83 -14.48 -4.57
C SER A 243 -27.60 -15.79 -3.89
N VAL A 244 -27.15 -16.80 -4.66
CA VAL A 244 -26.82 -18.09 -4.05
C VAL A 244 -25.52 -18.59 -4.56
N GLY A 245 -24.57 -18.84 -3.65
CA GLY A 245 -23.21 -19.21 -4.03
C GLY A 245 -22.88 -20.57 -3.52
N VAL A 246 -22.03 -21.29 -4.25
CA VAL A 246 -21.38 -22.51 -3.73
C VAL A 246 -19.90 -22.50 -4.07
N GLU A 247 -19.08 -22.65 -3.06
CA GLU A 247 -17.62 -22.61 -3.31
C GLU A 247 -16.90 -23.62 -2.44
N ARG A 248 -15.67 -23.93 -2.86
CA ARG A 248 -14.89 -25.02 -2.27
C ARG A 248 -13.42 -24.72 -2.28
N THR A 249 -12.79 -24.93 -1.13
CA THR A 249 -11.34 -24.88 -1.00
C THR A 249 -10.84 -26.31 -0.84
N MET A 250 -9.84 -26.65 -1.62
CA MET A 250 -9.30 -28.00 -1.64
C MET A 250 -7.98 -28.09 -0.91
N ALA A 251 -7.78 -29.27 -0.30
CA ALA A 251 -6.59 -29.62 0.45
C ALA A 251 -5.28 -29.09 -0.22
N GLU A 252 -4.83 -29.73 -1.27
CA GLU A 252 -3.69 -29.20 -2.04
C GLU A 252 -4.23 -28.56 -3.33
N ASP A 253 -3.56 -27.49 -3.76
CA ASP A 253 -3.95 -26.77 -4.93
C ASP A 253 -4.08 -27.69 -6.13
N ILE A 254 -4.69 -27.16 -7.20
CA ILE A 254 -4.77 -27.84 -8.46
C ILE A 254 -4.11 -26.96 -9.51
N HIS A 255 -3.57 -27.63 -10.55
CA HIS A 255 -2.80 -26.94 -11.60
C HIS A 255 -3.26 -27.19 -13.02
N HIS A 256 -4.18 -28.15 -13.23
CA HIS A 256 -4.67 -28.50 -14.57
C HIS A 256 -6.17 -28.38 -14.63
N TRP A 257 -6.64 -27.75 -15.70
CA TRP A 257 -8.06 -27.56 -15.96
C TRP A 257 -8.92 -28.84 -15.77
N SER A 258 -8.37 -29.99 -16.04
CA SER A 258 -9.17 -31.19 -15.92
C SER A 258 -9.61 -31.33 -14.47
N GLU A 259 -8.74 -30.97 -13.55
CA GLU A 259 -9.10 -31.08 -12.14
C GLU A 259 -10.20 -30.08 -11.81
N CYS A 260 -9.98 -28.81 -12.15
CA CYS A 260 -10.97 -27.76 -11.92
C CYS A 260 -12.34 -28.12 -12.46
N GLU A 261 -12.38 -28.71 -13.63
CA GLU A 261 -13.64 -29.14 -14.25
C GLU A 261 -14.30 -30.24 -13.45
N ALA A 262 -13.50 -31.15 -12.93
CA ALA A 262 -14.00 -32.21 -12.06
C ALA A 262 -14.62 -31.66 -10.82
N ILE A 263 -14.12 -30.50 -10.33
CA ILE A 263 -14.75 -29.88 -9.18
C ILE A 263 -16.06 -29.30 -9.62
N ILE A 264 -16.10 -28.63 -10.78
CA ILE A 264 -17.31 -27.96 -11.16
C ILE A 264 -18.42 -28.98 -11.35
N GLU A 265 -18.08 -30.18 -11.82
CA GLU A 265 -19.09 -31.20 -12.03
C GLU A 265 -19.83 -31.54 -10.72
N ARG A 266 -19.19 -31.30 -9.58
CA ARG A 266 -19.72 -31.72 -8.27
C ARG A 266 -20.39 -30.58 -7.50
N LEU A 267 -19.92 -29.36 -7.65
CA LEU A 267 -20.62 -28.26 -7.05
C LEU A 267 -21.84 -27.78 -7.84
N TYR A 268 -21.95 -28.10 -9.13
CA TYR A 268 -23.14 -27.69 -9.87
C TYR A 268 -24.43 -28.35 -9.34
N PRO A 269 -24.44 -29.68 -9.14
CA PRO A 269 -25.65 -30.28 -8.56
C PRO A 269 -26.08 -29.68 -7.22
N GLU A 270 -25.16 -29.26 -6.40
CA GLU A 270 -25.56 -28.61 -5.13
C GLU A 270 -26.16 -27.25 -5.39
N LEU A 271 -25.56 -26.49 -6.31
CA LEU A 271 -26.11 -25.19 -6.66
C LEU A 271 -27.49 -25.31 -7.29
N GLU A 272 -27.74 -26.41 -7.97
CA GLU A 272 -29.06 -26.60 -8.56
C GLU A 272 -30.10 -26.83 -7.48
N ARG A 273 -29.79 -27.77 -6.60
CA ARG A 273 -30.71 -28.15 -5.53
C ARG A 273 -31.01 -26.96 -4.64
N ARG A 274 -29.99 -26.19 -4.31
CA ARG A 274 -30.16 -25.02 -3.45
C ARG A 274 -31.04 -23.96 -4.09
N LEU A 275 -30.75 -23.66 -5.34
CA LEU A 275 -31.57 -22.69 -6.08
C LEU A 275 -32.96 -23.24 -6.38
N ALA A 276 -33.11 -24.56 -6.43
CA ALA A 276 -34.42 -25.13 -6.69
C ALA A 276 -35.39 -24.79 -5.54
N LYS A 277 -34.89 -24.84 -4.29
CA LYS A 277 -35.70 -24.55 -3.12
C LYS A 277 -36.34 -23.14 -3.16
N VAL A 278 -35.74 -22.24 -3.91
CA VAL A 278 -36.25 -20.89 -4.00
C VAL A 278 -36.83 -20.53 -5.40
N LYS A 279 -36.29 -21.11 -6.47
CA LYS A 279 -36.78 -20.91 -7.84
C LYS A 279 -36.86 -22.26 -8.53
N PRO A 280 -38.01 -22.95 -8.41
CA PRO A 280 -38.10 -24.31 -8.98
C PRO A 280 -37.88 -24.34 -10.49
N ASP A 281 -38.06 -23.21 -11.14
CA ASP A 281 -37.86 -23.11 -12.59
C ASP A 281 -36.48 -22.58 -12.96
N LEU A 282 -35.65 -22.24 -11.95
CA LEU A 282 -34.24 -21.88 -12.12
C LEU A 282 -34.03 -20.55 -12.85
N LEU A 283 -35.06 -19.71 -12.97
CA LEU A 283 -34.85 -18.44 -13.64
C LEU A 283 -34.09 -17.46 -12.76
N ILE A 284 -33.06 -16.85 -13.33
CA ILE A 284 -32.04 -16.06 -12.56
C ILE A 284 -31.72 -14.85 -13.38
N ALA A 285 -30.91 -13.96 -12.84
CA ALA A 285 -30.52 -12.76 -13.58
C ALA A 285 -29.15 -12.85 -14.21
N ARG A 286 -28.15 -13.34 -13.43
CA ARG A 286 -26.75 -13.49 -13.88
C ARG A 286 -26.18 -14.77 -13.26
N GLN A 287 -25.30 -15.47 -14.01
CA GLN A 287 -24.51 -16.56 -13.42
C GLN A 287 -23.03 -16.32 -13.65
N GLY A 288 -22.21 -17.09 -12.95
CA GLY A 288 -20.79 -16.80 -12.92
C GLY A 288 -20.00 -17.76 -12.06
N VAL A 289 -18.70 -17.56 -12.06
CA VAL A 289 -17.78 -18.48 -11.42
C VAL A 289 -16.76 -17.62 -10.70
N LYS A 290 -15.94 -18.29 -9.89
CA LYS A 290 -15.02 -17.62 -9.01
C LYS A 290 -13.83 -18.52 -8.79
N LEU A 291 -12.62 -17.99 -9.08
CA LEU A 291 -11.38 -18.68 -8.75
C LEU A 291 -10.63 -17.92 -7.69
N LYS A 292 -9.85 -18.64 -6.88
CA LYS A 292 -8.89 -18.03 -5.93
C LYS A 292 -7.56 -18.72 -6.09
N PHE A 293 -6.57 -17.95 -6.55
CA PHE A 293 -5.24 -18.45 -6.80
C PHE A 293 -4.44 -18.60 -5.51
N ASP A 294 -3.20 -19.08 -5.63
CA ASP A 294 -2.36 -19.34 -4.45
C ASP A 294 -1.83 -18.06 -3.80
N ASP A 295 -1.63 -16.99 -4.59
CA ASP A 295 -1.35 -15.66 -4.06
C ASP A 295 -2.62 -14.98 -3.51
N PHE A 296 -3.65 -15.81 -3.31
CA PHE A 296 -4.94 -15.45 -2.69
C PHE A 296 -5.73 -14.41 -3.44
N GLN A 297 -5.17 -13.79 -4.48
CA GLN A 297 -5.96 -12.89 -5.29
C GLN A 297 -7.15 -13.67 -5.81
N GLN A 298 -8.32 -13.04 -5.87
CA GLN A 298 -9.55 -13.74 -6.25
C GLN A 298 -10.15 -13.06 -7.45
N THR A 299 -10.65 -13.83 -8.42
CA THR A 299 -11.33 -13.24 -9.56
C THR A 299 -12.72 -13.82 -9.76
N THR A 300 -13.54 -13.05 -10.45
CA THR A 300 -14.94 -13.35 -10.68
C THR A 300 -15.21 -13.12 -12.12
N GLN A 301 -15.85 -14.08 -12.74
CA GLN A 301 -16.51 -13.77 -14.01
C GLN A 301 -17.97 -14.07 -13.85
N GLU A 302 -18.79 -13.11 -14.23
CA GLU A 302 -20.24 -13.25 -14.10
C GLU A 302 -20.85 -12.38 -15.18
N HIS A 303 -21.94 -12.88 -15.75
CA HIS A 303 -22.58 -12.19 -16.88
C HIS A 303 -24.06 -12.46 -16.80
N VAL A 304 -24.87 -11.49 -17.24
CA VAL A 304 -26.34 -11.68 -17.30
C VAL A 304 -26.68 -12.98 -18.05
N TRP A 305 -27.65 -13.74 -17.54
CA TRP A 305 -27.95 -15.04 -18.10
C TRP A 305 -29.25 -15.54 -17.53
N PRO A 306 -30.09 -16.13 -18.36
CA PRO A 306 -31.49 -16.32 -17.98
C PRO A 306 -31.74 -17.47 -17.00
N ARG A 307 -31.01 -18.56 -17.13
CA ARG A 307 -31.31 -19.74 -16.31
C ARG A 307 -30.03 -20.49 -15.93
N LEU A 308 -29.97 -20.97 -14.70
CA LEU A 308 -28.86 -21.79 -14.26
C LEU A 308 -28.51 -22.82 -15.35
N ASN A 309 -27.37 -22.61 -15.99
CA ASN A 309 -26.90 -23.46 -17.09
C ASN A 309 -25.52 -24.02 -16.70
N LYS A 310 -25.44 -25.34 -16.65
CA LYS A 310 -24.21 -26.03 -16.32
C LYS A 310 -23.10 -25.80 -17.35
N ALA A 311 -23.45 -25.84 -18.62
CA ALA A 311 -22.43 -25.78 -19.64
C ALA A 311 -21.84 -24.35 -19.76
N ASP A 312 -22.66 -23.34 -19.56
CA ASP A 312 -22.12 -22.00 -19.60
C ASP A 312 -21.13 -21.73 -18.43
N LEU A 313 -21.39 -22.35 -17.28
CA LEU A 313 -20.47 -22.21 -16.16
C LEU A 313 -19.09 -22.83 -16.49
N ILE A 314 -19.09 -24.08 -16.96
CA ILE A 314 -17.84 -24.75 -17.35
C ILE A 314 -17.10 -23.93 -18.40
N ALA A 315 -17.82 -23.52 -19.46
CA ALA A 315 -17.35 -22.49 -20.41
C ALA A 315 -16.68 -21.28 -19.71
N THR A 316 -17.45 -20.54 -18.90
CA THR A 316 -16.98 -19.31 -18.30
C THR A 316 -15.79 -19.59 -17.39
N ALA A 317 -15.86 -20.68 -16.63
CA ALA A 317 -14.67 -21.02 -15.79
C ALA A 317 -13.46 -21.28 -16.66
N ARG A 318 -13.65 -22.01 -17.78
CA ARG A 318 -12.52 -22.36 -18.62
C ARG A 318 -11.88 -21.09 -19.18
N LYS A 319 -12.69 -20.13 -19.57
CA LYS A 319 -12.14 -18.90 -20.13
C LYS A 319 -11.35 -18.15 -19.06
N THR A 320 -11.94 -18.02 -17.86
CA THR A 320 -11.23 -17.43 -16.71
C THR A 320 -9.97 -18.22 -16.35
N TRP A 321 -10.06 -19.54 -16.41
CA TRP A 321 -8.90 -20.38 -16.14
C TRP A 321 -7.77 -20.07 -17.13
N ASP A 322 -8.12 -19.64 -18.33
CA ASP A 322 -7.11 -19.48 -19.34
C ASP A 322 -6.44 -18.12 -19.22
N GLU A 323 -7.23 -17.06 -19.32
CA GLU A 323 -6.70 -15.72 -19.50
C GLU A 323 -6.44 -15.01 -18.22
N ARG A 324 -6.58 -15.66 -17.07
CA ARG A 324 -6.36 -14.98 -15.80
C ARG A 324 -5.65 -15.79 -14.77
N ARG A 325 -5.26 -17.02 -15.07
CA ARG A 325 -4.56 -17.79 -14.03
C ARG A 325 -3.12 -17.43 -13.90
N GLY A 326 -2.47 -17.07 -15.01
CA GLY A 326 -1.02 -16.82 -15.02
C GLY A 326 -0.19 -17.99 -14.46
N GLY A 327 -0.63 -19.21 -14.75
CA GLY A 327 0.02 -20.38 -14.23
C GLY A 327 0.31 -20.34 -12.74
N ARG A 328 -0.69 -20.01 -11.92
CA ARG A 328 -0.58 -20.26 -10.50
C ARG A 328 -1.53 -21.37 -10.07
N GLY A 329 -1.23 -22.00 -8.95
CA GLY A 329 -2.17 -22.94 -8.39
C GLY A 329 -3.46 -22.24 -8.00
N VAL A 330 -4.54 -23.01 -7.91
CA VAL A 330 -5.79 -22.45 -7.41
C VAL A 330 -6.30 -23.29 -6.28
N ARG A 331 -6.68 -22.60 -5.20
CA ARG A 331 -7.12 -23.23 -3.96
C ARG A 331 -8.63 -23.27 -3.85
N LEU A 332 -9.32 -22.46 -4.67
CA LEU A 332 -10.80 -22.34 -4.57
C LEU A 332 -11.42 -22.10 -5.92
N VAL A 333 -12.40 -22.94 -6.23
CA VAL A 333 -13.31 -22.71 -7.34
C VAL A 333 -14.72 -22.61 -6.77
N GLY A 334 -15.51 -21.68 -7.28
CA GLY A 334 -16.89 -21.55 -6.84
C GLY A 334 -17.78 -21.08 -7.95
N LEU A 335 -19.05 -21.54 -7.88
CA LEU A 335 -20.15 -21.10 -8.75
C LEU A 335 -21.06 -20.11 -8.02
N HIS A 336 -21.56 -19.12 -8.76
CA HIS A 336 -22.45 -18.07 -8.25
C HIS A 336 -23.64 -17.85 -9.17
N VAL A 337 -24.67 -17.18 -8.66
CA VAL A 337 -25.85 -16.77 -9.44
C VAL A 337 -26.61 -15.68 -8.72
N THR A 338 -26.97 -14.62 -9.44
CA THR A 338 -27.68 -13.47 -8.90
C THR A 338 -29.16 -13.62 -9.17
N LEU A 339 -29.97 -13.58 -8.11
CA LEU A 339 -31.40 -13.76 -8.28
C LEU A 339 -32.06 -12.63 -9.07
N LEU A 340 -33.21 -12.95 -9.68
CA LEU A 340 -34.00 -11.90 -10.34
C LEU A 340 -34.55 -10.95 -9.30
N ASP A 341 -34.98 -9.79 -9.80
CA ASP A 341 -35.23 -8.61 -8.97
C ASP A 341 -36.45 -8.67 -8.04
N PRO A 342 -37.50 -9.44 -8.40
CA PRO A 342 -38.66 -9.40 -7.47
C PRO A 342 -38.31 -9.81 -6.03
N SER D 1 33.44 32.54 -26.78
CA SER D 1 34.25 32.15 -25.59
C SER D 1 33.63 32.71 -24.32
N ARG D 2 33.08 31.80 -23.53
CA ARG D 2 32.35 32.15 -22.33
C ARG D 2 33.04 31.64 -21.08
N LYS D 3 32.79 32.30 -19.96
CA LYS D 3 33.35 31.92 -18.66
C LYS D 3 32.24 31.28 -17.82
N ILE D 4 32.33 29.97 -17.63
CA ILE D 4 31.31 29.17 -16.94
C ILE D 4 31.93 28.48 -15.72
N ILE D 5 31.25 28.62 -14.58
CA ILE D 5 31.73 28.07 -13.32
C ILE D 5 30.73 27.01 -12.87
N HIS D 6 31.26 25.87 -12.41
CA HIS D 6 30.44 24.82 -11.79
C HIS D 6 30.82 24.75 -10.33
N VAL D 7 29.83 24.91 -9.46
CA VAL D 7 30.04 24.85 -8.02
C VAL D 7 29.39 23.56 -7.52
N ASP D 8 30.16 22.79 -6.76
CA ASP D 8 29.73 21.49 -6.22
C ASP D 8 30.16 21.43 -4.78
N MET D 9 29.21 21.24 -3.88
CA MET D 9 29.51 21.20 -2.46
C MET D 9 30.11 19.86 -2.05
N ASP D 10 30.98 19.92 -1.03
CA ASP D 10 31.82 18.77 -0.69
C ASP D 10 31.07 17.87 0.28
N CYS D 11 31.02 16.57 -0.04
CA CYS D 11 30.25 15.57 0.69
C CYS D 11 28.99 16.16 1.31
N PHE D 12 28.13 16.65 0.43
CA PHE D 12 27.02 17.52 0.78
C PHE D 12 26.25 17.03 1.99
N ALA D 13 25.65 15.84 1.89
CA ALA D 13 24.86 15.29 3.00
C ALA D 13 25.72 15.08 4.24
N ALA D 14 26.87 14.47 4.07
CA ALA D 14 27.74 14.20 5.22
C ALA D 14 28.20 15.51 5.87
N ALA D 15 28.48 16.52 5.05
CA ALA D 15 28.96 17.81 5.58
C ALA D 15 27.92 18.48 6.47
N VAL D 16 26.66 18.46 6.05
CA VAL D 16 25.59 19.10 6.82
C VAL D 16 25.42 18.40 8.18
N GLU D 17 25.70 17.11 8.23
CA GLU D 17 25.58 16.37 9.49
C GLU D 17 26.68 16.76 10.46
N MET D 18 27.81 16.96 9.94
CA MET D 18 28.82 17.28 10.84
C MET D 18 28.49 18.62 11.39
N ARG D 19 28.34 19.55 10.52
CA ARG D 19 28.10 20.93 10.94
C ARG D 19 27.05 20.98 12.06
N ASP D 20 25.93 20.30 11.86
CA ASP D 20 24.88 20.23 12.88
C ASP D 20 25.24 19.30 14.03
N ASN D 21 26.25 18.45 13.86
CA ASN D 21 26.64 17.48 14.88
C ASN D 21 28.15 17.27 14.80
N PRO D 22 28.91 18.08 15.54
CA PRO D 22 30.38 17.98 15.48
C PRO D 22 30.94 16.73 16.14
N ALA D 23 30.12 15.98 16.87
CA ALA D 23 30.57 14.73 17.48
C ALA D 23 31.08 13.73 16.42
N LEU D 24 30.51 13.82 15.22
CA LEU D 24 30.84 12.90 14.15
C LEU D 24 31.92 13.43 13.20
N ARG D 25 32.64 14.49 13.59
CA ARG D 25 33.40 15.27 12.63
C ARG D 25 34.59 14.55 12.01
N ASP D 26 35.16 13.58 12.72
CA ASP D 26 36.24 12.76 12.15
C ASP D 26 35.99 11.27 12.36
N ILE D 27 34.73 10.86 12.22
CA ILE D 27 34.32 9.47 12.44
C ILE D 27 33.79 9.00 11.07
N PRO D 28 34.01 7.74 10.68
CA PRO D 28 33.38 7.28 9.43
C PRO D 28 31.84 7.23 9.49
N ILE D 29 31.22 8.16 8.78
CA ILE D 29 29.77 8.26 8.68
C ILE D 29 29.38 8.08 7.22
N ALA D 30 28.13 7.69 6.97
CA ALA D 30 27.55 7.62 5.65
C ALA D 30 26.04 7.75 5.81
N ILE D 31 25.42 8.40 4.84
CA ILE D 31 23.96 8.48 4.81
C ILE D 31 23.47 7.39 3.88
N GLY D 32 22.47 6.65 4.31
CA GLY D 32 22.02 5.51 3.55
C GLY D 32 21.13 4.64 4.37
N GLY D 33 20.34 3.82 3.72
CA GLY D 33 19.44 2.94 4.42
C GLY D 33 20.19 1.83 5.13
N SER D 34 19.54 1.24 6.12
CA SER D 34 20.12 0.12 6.85
C SER D 34 20.39 -1.05 5.90
N ARG D 35 21.06 -2.06 6.41
CA ARG D 35 21.31 -3.26 5.62
C ARG D 35 20.01 -4.06 5.38
N GLU D 36 19.15 -4.13 6.38
CA GLU D 36 17.93 -4.91 6.28
C GLU D 36 16.84 -4.22 5.46
N ARG D 37 16.85 -2.90 5.40
CA ARG D 37 16.04 -2.25 4.38
C ARG D 37 16.68 -2.38 2.99
N ARG D 38 17.76 -3.16 2.87
CA ARG D 38 18.41 -3.38 1.59
C ARG D 38 18.82 -2.05 0.93
N GLY D 39 19.29 -1.13 1.76
CA GLY D 39 19.67 0.20 1.31
C GLY D 39 21.08 0.33 0.86
N VAL D 40 21.46 1.52 0.42
CA VAL D 40 22.77 1.74 -0.14
C VAL D 40 23.37 3.00 0.48
N ILE D 41 24.61 3.25 0.07
CA ILE D 41 25.42 4.34 0.56
C ILE D 41 25.41 5.60 -0.29
N SER D 42 24.68 6.60 0.20
CA SER D 42 24.53 7.86 -0.51
C SER D 42 25.66 8.88 -0.40
N CYS D 43 26.34 8.90 0.73
CA CYS D 43 27.40 9.87 0.92
C CYS D 43 28.38 9.29 1.89
N ALA D 44 29.56 9.89 1.96
CA ALA D 44 30.52 9.29 2.89
C ALA D 44 31.62 10.20 3.43
N ASN D 45 31.64 10.45 4.73
CA ASN D 45 32.66 11.32 5.33
C ASN D 45 34.06 10.89 4.91
N TYR D 46 34.93 11.83 4.59
CA TYR D 46 36.27 11.45 4.19
C TYR D 46 36.91 10.38 5.11
N PRO D 47 36.68 10.43 6.44
CA PRO D 47 37.04 9.26 7.24
C PRO D 47 36.51 7.92 6.71
N ALA D 48 35.27 7.86 6.22
CA ALA D 48 34.81 6.60 5.66
C ALA D 48 35.26 6.39 4.22
N ARG D 49 35.38 7.47 3.42
CA ARG D 49 35.72 7.33 1.99
C ARG D 49 36.98 6.50 1.80
N LYS D 50 37.85 6.56 2.81
CA LYS D 50 39.15 5.89 2.90
C LYS D 50 39.18 4.43 2.56
N PHE D 51 38.34 3.70 3.27
CA PHE D 51 38.30 2.26 3.17
C PHE D 51 37.68 1.84 1.86
N GLY D 52 36.93 2.72 1.23
CA GLY D 52 36.28 2.39 -0.01
C GLY D 52 34.78 2.39 0.06
N VAL D 53 34.22 3.17 0.97
CA VAL D 53 32.77 3.35 0.96
C VAL D 53 32.49 4.53 0.03
N ARG D 54 31.71 4.26 -1.02
CA ARG D 54 31.47 5.19 -2.08
C ARG D 54 29.97 5.35 -2.23
N SER D 55 29.53 6.51 -2.76
CA SER D 55 28.16 6.71 -3.13
C SER D 55 27.69 5.55 -4.01
N ALA D 56 26.43 5.17 -3.82
CA ALA D 56 25.76 4.10 -4.59
C ALA D 56 26.25 2.71 -4.24
N MET D 57 26.92 2.58 -3.11
CA MET D 57 27.35 1.24 -2.71
C MET D 57 26.35 0.62 -1.77
N PRO D 58 26.12 -0.71 -1.88
CA PRO D 58 25.21 -1.39 -0.92
C PRO D 58 25.71 -1.27 0.50
N THR D 59 24.80 -0.93 1.40
CA THR D 59 25.17 -0.82 2.79
C THR D 59 25.78 -2.13 3.32
N GLY D 60 25.37 -3.25 2.76
CA GLY D 60 25.96 -4.53 3.12
C GLY D 60 27.47 -4.53 2.99
N MET D 61 27.93 -4.16 1.80
CA MET D 61 29.36 -4.12 1.52
C MET D 61 30.07 -3.00 2.32
N ALA D 62 29.41 -1.84 2.43
CA ALA D 62 30.02 -0.69 3.11
C ALA D 62 30.42 -1.01 4.54
N LEU D 63 29.66 -1.90 5.19
CA LEU D 63 29.93 -2.29 6.56
C LEU D 63 31.10 -3.29 6.60
N LYS D 64 31.20 -4.11 5.56
CA LYS D 64 32.25 -5.11 5.48
C LYS D 64 33.62 -4.42 5.37
N LEU D 65 33.63 -3.25 4.75
CA LEU D 65 34.86 -2.49 4.57
C LEU D 65 35.16 -1.49 5.68
N CYS D 66 34.17 -1.17 6.52
CA CYS D 66 34.34 -0.27 7.67
C CYS D 66 33.25 -0.60 8.68
N PRO D 67 33.50 -1.57 9.58
CA PRO D 67 32.42 -1.94 10.51
C PRO D 67 32.06 -0.80 11.47
N HIS D 68 33.02 0.10 11.75
CA HIS D 68 32.79 1.26 12.60
C HIS D 68 31.99 2.38 11.92
N LEU D 69 31.26 2.05 10.85
CA LEU D 69 30.51 3.02 10.09
C LEU D 69 29.29 3.49 10.88
N THR D 70 29.31 4.76 11.28
CA THR D 70 28.07 5.45 11.61
C THR D 70 27.24 5.59 10.34
N LEU D 71 26.01 5.05 10.38
CA LEU D 71 25.04 5.15 9.30
C LEU D 71 23.85 5.93 9.72
N LEU D 72 23.59 7.02 8.99
CA LEU D 72 22.52 7.98 9.24
C LEU D 72 21.46 7.85 8.16
N PRO D 73 20.18 8.02 8.55
CA PRO D 73 19.11 8.01 7.55
C PRO D 73 19.14 9.29 6.72
N GLY D 74 19.28 10.42 7.41
CA GLY D 74 19.25 11.69 6.73
C GLY D 74 18.00 12.48 7.02
N ARG D 75 18.07 13.77 6.71
CA ARG D 75 17.02 14.75 7.00
C ARG D 75 16.86 15.60 5.76
N PHE D 76 16.01 15.19 4.81
CA PHE D 76 15.89 15.87 3.52
C PHE D 76 15.85 17.39 3.67
N ASP D 77 15.00 17.87 4.59
CA ASP D 77 14.77 19.31 4.75
C ASP D 77 15.96 20.04 5.35
N ALA D 78 16.66 19.40 6.30
CA ALA D 78 17.90 19.98 6.82
C ALA D 78 18.97 20.08 5.73
N TYR D 79 19.04 19.08 4.86
CA TYR D 79 19.94 19.21 3.71
C TYR D 79 19.37 20.19 2.68
N LYS D 80 18.05 20.24 2.54
CA LYS D 80 17.43 21.01 1.46
C LYS D 80 17.57 22.51 1.66
N GLU D 81 17.33 22.96 2.90
CA GLU D 81 17.34 24.37 3.23
C GLU D 81 18.59 25.10 2.75
N ALA D 82 19.74 24.44 2.91
CA ALA D 82 21.02 25.04 2.53
C ALA D 82 21.15 25.17 1.02
N SER D 83 20.63 24.21 0.27
CA SER D 83 20.63 24.30 -1.18
C SER D 83 19.99 25.61 -1.65
N ASN D 84 18.90 26.01 -1.02
CA ASN D 84 18.28 27.31 -1.30
C ASN D 84 19.20 28.46 -0.94
N HIS D 85 19.99 28.28 0.12
CA HIS D 85 20.88 29.35 0.56
C HIS D 85 22.01 29.56 -0.45
N ILE D 86 22.65 28.47 -0.84
CA ILE D 86 23.67 28.56 -1.88
C ILE D 86 23.05 28.99 -3.22
N ARG D 87 21.78 28.65 -3.43
CA ARG D 87 21.06 29.17 -4.60
C ARG D 87 21.02 30.69 -4.54
N GLU D 88 20.73 31.24 -3.37
CA GLU D 88 20.64 32.68 -3.20
C GLU D 88 22.01 33.34 -3.29
N ILE D 89 23.07 32.62 -2.95
CA ILE D 89 24.42 33.17 -3.07
C ILE D 89 24.80 33.27 -4.54
N PHE D 90 24.45 32.25 -5.33
CA PHE D 90 24.70 32.31 -6.77
C PHE D 90 23.97 33.48 -7.42
N SER D 91 22.74 33.72 -6.98
CA SER D 91 21.94 34.83 -7.47
C SER D 91 22.64 36.19 -7.34
N ARG D 92 23.62 36.30 -6.44
CA ARG D 92 24.24 37.58 -6.19
C ARG D 92 25.21 38.01 -7.29
N TYR D 93 25.83 37.07 -7.99
CA TYR D 93 26.88 37.37 -8.98
C TYR D 93 26.45 37.15 -10.43
N THR D 94 25.40 36.36 -10.64
CA THR D 94 24.65 36.29 -11.88
C THR D 94 23.25 35.83 -11.53
N SER D 95 22.43 35.58 -12.54
CA SER D 95 21.10 35.00 -12.36
C SER D 95 20.80 33.86 -13.33
N ARG D 96 21.57 33.73 -14.41
CA ARG D 96 21.54 32.52 -15.26
C ARG D 96 22.09 31.37 -14.43
N ILE D 97 21.22 30.72 -13.66
CA ILE D 97 21.65 29.73 -12.68
C ILE D 97 20.61 28.64 -12.63
N GLU D 98 20.94 27.45 -13.11
CA GLU D 98 20.08 26.28 -12.91
C GLU D 98 20.86 25.21 -12.17
N PRO D 99 20.27 24.63 -11.13
CA PRO D 99 20.95 23.55 -10.44
C PRO D 99 20.82 22.22 -11.18
N LEU D 100 21.90 21.43 -11.16
CA LEU D 100 21.86 20.05 -11.59
C LEU D 100 21.35 19.12 -10.49
N SER D 101 21.42 19.57 -9.24
CA SER D 101 20.91 18.79 -8.10
C SER D 101 20.63 19.76 -6.96
N LEU D 102 20.85 19.36 -5.71
CA LEU D 102 20.78 20.33 -4.63
C LEU D 102 22.14 20.94 -4.33
N ASP D 103 23.22 20.19 -4.63
CA ASP D 103 24.59 20.63 -4.27
C ASP D 103 25.40 21.13 -5.46
N GLU D 104 24.81 21.24 -6.65
CA GLU D 104 25.52 21.68 -7.84
C GLU D 104 24.74 22.72 -8.61
N ALA D 105 25.49 23.56 -9.33
CA ALA D 105 24.90 24.55 -10.20
C ALA D 105 25.91 25.04 -11.23
N TYR D 106 25.58 24.92 -12.51
CA TYR D 106 26.30 25.64 -13.56
C TYR D 106 25.92 27.12 -13.50
N LEU D 107 26.93 27.98 -13.65
CA LEU D 107 26.73 29.43 -13.59
C LEU D 107 27.43 30.10 -14.75
N ASP D 108 26.65 30.85 -15.53
CA ASP D 108 27.16 31.63 -16.65
C ASP D 108 27.53 33.03 -16.14
N VAL D 109 28.81 33.39 -16.21
CA VAL D 109 29.23 34.72 -15.76
C VAL D 109 29.97 35.44 -16.87
N THR D 110 29.66 35.08 -18.12
CA THR D 110 30.36 35.62 -19.28
C THR D 110 30.19 37.13 -19.43
N ASP D 111 28.95 37.58 -19.26
CA ASP D 111 28.65 39.01 -19.24
C ASP D 111 28.36 39.47 -17.81
N SER D 112 29.39 39.41 -16.97
CA SER D 112 29.27 39.90 -15.60
C SER D 112 30.46 40.76 -15.23
N VAL D 113 30.19 41.75 -14.39
CA VAL D 113 31.14 42.80 -14.02
C VAL D 113 31.59 42.64 -12.56
N HIS D 114 30.95 41.72 -11.83
CA HIS D 114 31.02 41.66 -10.37
C HIS D 114 32.42 41.80 -9.82
N CYS D 115 33.32 40.96 -10.32
CA CYS D 115 34.71 41.01 -9.93
C CYS D 115 35.59 41.01 -11.17
N HIS D 116 35.42 42.06 -11.99
CA HIS D 116 36.22 42.27 -13.21
C HIS D 116 36.15 41.06 -14.15
N GLY D 117 35.04 40.33 -14.09
CA GLY D 117 34.87 39.12 -14.88
C GLY D 117 35.83 37.99 -14.49
N SER D 118 36.65 38.22 -13.47
CA SER D 118 37.62 37.23 -13.03
C SER D 118 36.92 36.06 -12.33
N ALA D 119 36.38 35.15 -13.13
CA ALA D 119 35.56 34.07 -12.59
C ALA D 119 36.24 33.32 -11.46
N THR D 120 37.57 33.21 -11.54
CA THR D 120 38.32 32.48 -10.53
C THR D 120 38.16 33.14 -9.15
N LEU D 121 38.25 34.46 -9.11
CA LEU D 121 37.91 35.15 -7.89
C LEU D 121 36.42 35.11 -7.60
N ILE D 122 35.58 35.30 -8.62
CA ILE D 122 34.14 35.14 -8.41
C ILE D 122 33.85 33.76 -7.82
N ALA D 123 34.37 32.71 -8.46
CA ALA D 123 34.31 31.38 -7.88
C ALA D 123 35.00 31.35 -6.49
N GLN D 124 36.13 32.06 -6.34
CA GLN D 124 36.82 32.08 -5.05
C GLN D 124 35.96 32.71 -3.95
N GLU D 125 35.17 33.71 -4.30
CA GLU D 125 34.36 34.41 -3.30
C GLU D 125 33.05 33.70 -3.01
N ILE D 126 32.40 33.17 -4.04
CA ILE D 126 31.20 32.37 -3.79
C ILE D 126 31.52 31.21 -2.83
N ARG D 127 32.68 30.60 -3.00
CA ARG D 127 33.11 29.53 -2.10
C ARG D 127 33.10 30.03 -0.65
N GLN D 128 33.93 31.05 -0.38
CA GLN D 128 34.09 31.52 1.01
C GLN D 128 32.88 32.30 1.50
N THR D 129 32.06 32.81 0.60
CA THR D 129 30.72 33.25 1.00
C THR D 129 29.86 32.06 1.40
N ILE D 130 30.08 30.91 0.76
CA ILE D 130 29.38 29.69 1.19
C ILE D 130 30.02 29.10 2.45
N PHE D 131 31.33 29.27 2.64
CA PHE D 131 31.91 28.80 3.90
C PHE D 131 31.46 29.65 5.07
N ASN D 132 31.40 30.97 4.87
CA ASN D 132 30.65 31.83 5.78
C ASN D 132 29.15 31.59 5.59
N GLU D 133 28.35 32.15 6.49
CA GLU D 133 26.89 31.99 6.45
C GLU D 133 26.46 30.52 6.62
N LEU D 134 27.05 29.64 5.82
CA LEU D 134 26.64 28.24 5.71
C LEU D 134 27.46 27.28 6.54
N GLN D 135 28.72 27.63 6.83
CA GLN D 135 29.66 26.75 7.55
C GLN D 135 29.87 25.45 6.81
N LEU D 136 29.86 25.52 5.48
CA LEU D 136 30.02 24.35 4.64
C LEU D 136 31.00 24.61 3.53
N THR D 137 31.81 23.59 3.25
CA THR D 137 32.84 23.62 2.21
C THR D 137 32.22 23.38 0.84
N ALA D 138 32.86 23.96 -0.18
CA ALA D 138 32.45 23.83 -1.57
C ALA D 138 33.69 23.85 -2.45
N SER D 139 33.53 23.32 -3.66
CA SER D 139 34.59 23.26 -4.66
C SER D 139 34.07 23.75 -6.01
N ALA D 140 34.93 24.44 -6.74
CA ALA D 140 34.54 25.09 -7.98
C ALA D 140 35.37 24.56 -9.13
N GLY D 141 34.89 24.84 -10.33
CA GLY D 141 35.62 24.58 -11.54
C GLY D 141 35.18 25.59 -12.58
N VAL D 142 36.15 26.23 -13.26
CA VAL D 142 35.85 27.23 -14.27
C VAL D 142 36.51 26.86 -15.59
N ALA D 143 35.75 26.90 -16.68
CA ALA D 143 36.20 26.46 -17.99
C ALA D 143 35.37 27.17 -19.07
N PRO D 144 35.80 27.07 -20.35
CA PRO D 144 35.05 27.77 -21.39
C PRO D 144 33.67 27.20 -21.70
N VAL D 145 33.40 25.94 -21.33
CA VAL D 145 32.12 25.26 -21.59
C VAL D 145 31.73 24.48 -20.33
N LYS D 146 30.63 23.73 -20.41
CA LYS D 146 30.05 23.17 -19.19
C LYS D 146 30.68 21.88 -18.72
N PHE D 147 30.79 20.90 -19.63
CA PHE D 147 31.35 19.60 -19.21
C PHE D 147 32.77 19.78 -18.66
N LEU D 148 33.57 20.65 -19.26
CA LEU D 148 34.90 20.91 -18.73
C LEU D 148 34.83 21.54 -17.35
N ALA D 149 33.87 22.43 -17.15
CA ALA D 149 33.70 23.06 -15.83
C ALA D 149 33.16 22.06 -14.83
N LYS D 150 32.48 21.03 -15.30
CA LYS D 150 32.04 19.95 -14.41
C LYS D 150 33.24 19.11 -13.98
N ILE D 151 34.11 18.77 -14.91
CA ILE D 151 35.32 18.02 -14.61
C ILE D 151 36.23 18.82 -13.66
N ALA D 152 36.30 20.12 -13.87
CA ALA D 152 37.14 20.98 -13.03
C ALA D 152 36.69 20.98 -11.58
N SER D 153 35.38 20.84 -11.34
CA SER D 153 34.89 20.83 -9.97
C SER D 153 35.56 19.70 -9.18
N ASP D 154 35.80 18.56 -9.87
CA ASP D 154 36.33 17.35 -9.27
C ASP D 154 37.85 17.25 -9.25
N MET D 155 38.53 18.32 -9.64
CA MET D 155 39.96 18.46 -9.37
C MET D 155 40.17 19.53 -8.30
N ASN D 156 41.15 19.31 -7.44
CA ASN D 156 41.28 20.06 -6.19
C ASN D 156 40.02 19.95 -5.35
N LYS D 157 39.50 18.73 -5.23
CA LYS D 157 38.12 18.53 -4.83
C LYS D 157 37.75 18.94 -3.39
N PRO D 158 38.57 18.61 -2.38
CA PRO D 158 38.19 19.08 -1.02
C PRO D 158 38.59 20.58 -0.83
N ASN D 159 37.58 21.42 -0.79
CA ASN D 159 37.73 22.87 -0.53
C ASN D 159 38.77 23.52 -1.45
N GLY D 160 38.66 23.23 -2.74
CA GLY D 160 39.55 23.82 -3.71
C GLY D 160 38.82 24.12 -5.00
N GLN D 161 39.56 24.73 -5.93
CA GLN D 161 39.02 25.04 -7.25
C GLN D 161 40.11 24.86 -8.30
N PHE D 162 39.66 24.64 -9.53
CA PHE D 162 40.56 24.40 -10.66
C PHE D 162 39.98 25.11 -11.88
N VAL D 163 40.79 25.93 -12.54
CA VAL D 163 40.33 26.73 -13.67
C VAL D 163 41.05 26.33 -14.95
N ILE D 164 40.27 26.01 -15.99
CA ILE D 164 40.77 25.64 -17.31
C ILE D 164 40.60 26.82 -18.25
N THR D 165 41.68 27.26 -18.88
CA THR D 165 41.52 28.34 -19.88
C THR D 165 41.69 27.77 -21.29
N PRO D 166 41.16 28.47 -22.31
CA PRO D 166 41.18 27.92 -23.67
C PRO D 166 42.55 27.47 -24.19
N ALA D 167 43.62 28.14 -23.76
CA ALA D 167 44.96 27.67 -24.08
C ALA D 167 45.22 26.27 -23.49
N GLU D 168 44.76 26.08 -22.26
CA GLU D 168 44.95 24.83 -21.53
C GLU D 168 44.18 23.65 -22.14
N VAL D 169 43.17 23.94 -22.95
CA VAL D 169 42.20 22.94 -23.37
C VAL D 169 42.80 21.83 -24.26
N PRO D 170 43.54 22.17 -25.33
CA PRO D 170 44.09 21.08 -26.14
C PRO D 170 45.08 20.18 -25.39
N ALA D 171 45.96 20.75 -24.56
CA ALA D 171 46.84 19.93 -23.74
C ALA D 171 46.03 19.12 -22.70
N PHE D 172 44.97 19.73 -22.19
CA PHE D 172 44.06 19.06 -21.26
C PHE D 172 43.43 17.81 -21.90
N LEU D 173 42.93 17.96 -23.13
CA LEU D 173 42.09 16.95 -23.74
C LEU D 173 42.81 15.66 -24.05
N GLN D 174 44.08 15.75 -24.43
CA GLN D 174 44.79 14.54 -24.83
C GLN D 174 44.98 13.56 -23.64
N THR D 175 45.10 14.12 -22.44
CA THR D 175 45.20 13.31 -21.24
C THR D 175 43.84 13.30 -20.52
N LEU D 176 42.81 12.81 -21.20
CA LEU D 176 41.47 12.79 -20.63
C LEU D 176 40.76 11.46 -20.82
N PRO D 177 40.72 10.62 -19.76
CA PRO D 177 39.92 9.41 -19.84
C PRO D 177 38.43 9.74 -20.12
N LEU D 178 37.84 9.07 -21.10
CA LEU D 178 36.47 9.39 -21.49
C LEU D 178 35.46 9.05 -20.42
N ALA D 179 35.84 8.15 -19.49
CA ALA D 179 35.02 7.86 -18.31
C ALA D 179 34.85 9.10 -17.40
N LYS D 180 35.72 10.10 -17.56
CA LYS D 180 35.61 11.33 -16.78
C LYS D 180 34.59 12.32 -17.34
N ILE D 181 34.21 12.15 -18.61
CA ILE D 181 33.21 13.02 -19.24
C ILE D 181 31.84 12.64 -18.67
N PRO D 182 31.05 13.63 -18.21
CA PRO D 182 29.72 13.29 -17.70
C PRO D 182 28.88 12.72 -18.83
N GLY D 183 28.13 11.67 -18.52
CA GLY D 183 27.32 10.96 -19.52
C GLY D 183 27.97 9.68 -20.03
N VAL D 184 29.27 9.54 -19.82
CA VAL D 184 29.97 8.32 -20.19
C VAL D 184 30.13 7.47 -18.94
N GLY D 185 29.16 6.57 -18.73
CA GLY D 185 29.19 5.64 -17.62
C GLY D 185 30.06 4.47 -17.99
N LYS D 186 29.99 3.41 -17.20
CA LYS D 186 30.87 2.27 -17.39
C LYS D 186 30.49 1.44 -18.62
N VAL D 187 29.18 1.28 -18.89
CA VAL D 187 28.80 0.43 -20.01
C VAL D 187 29.39 0.98 -21.32
N SER D 188 29.23 2.28 -21.57
CA SER D 188 29.82 2.91 -22.74
C SER D 188 31.34 2.92 -22.65
N ALA D 189 31.88 3.25 -21.47
CA ALA D 189 33.32 3.23 -21.28
C ALA D 189 33.89 1.84 -21.61
N ALA D 190 33.08 0.81 -21.37
CA ALA D 190 33.51 -0.57 -21.65
C ALA D 190 33.60 -0.83 -23.18
N LYS D 191 32.58 -0.42 -23.93
CA LYS D 191 32.58 -0.63 -25.39
C LYS D 191 33.55 0.32 -26.08
N LEU D 192 33.87 1.43 -25.43
CA LEU D 192 34.88 2.34 -26.00
C LEU D 192 36.27 1.76 -25.88
N GLU D 193 36.61 1.23 -24.70
CA GLU D 193 37.89 0.54 -24.56
C GLU D 193 37.98 -0.65 -25.53
N ALA D 194 36.86 -1.29 -25.83
CA ALA D 194 36.83 -2.32 -26.86
C ALA D 194 37.17 -1.77 -28.25
N MET D 195 36.89 -0.47 -28.47
CA MET D 195 37.28 0.21 -29.69
C MET D 195 38.67 0.83 -29.61
N GLY D 196 39.50 0.38 -28.65
CA GLY D 196 40.84 0.92 -28.45
C GLY D 196 40.86 2.39 -28.01
N LEU D 197 39.75 2.88 -27.48
CA LEU D 197 39.62 4.26 -27.08
C LEU D 197 39.39 4.32 -25.59
N ARG D 198 40.27 5.01 -24.88
CA ARG D 198 39.94 5.32 -23.50
C ARG D 198 40.27 6.75 -23.13
N THR D 199 40.99 7.49 -23.97
CA THR D 199 41.22 8.92 -23.72
C THR D 199 40.72 9.76 -24.89
N CYS D 200 40.43 11.02 -24.61
CA CYS D 200 40.22 11.99 -25.67
C CYS D 200 41.55 12.17 -26.40
N GLY D 201 41.52 12.07 -27.72
CA GLY D 201 42.76 12.03 -28.48
C GLY D 201 42.92 10.71 -29.18
N ASP D 202 42.55 9.62 -28.52
CA ASP D 202 42.26 8.39 -29.24
C ASP D 202 40.94 8.51 -30.00
N VAL D 203 40.02 9.32 -29.46
CA VAL D 203 38.72 9.52 -30.09
C VAL D 203 38.77 10.59 -31.18
N GLN D 204 39.69 11.55 -31.03
CA GLN D 204 39.84 12.62 -31.99
C GLN D 204 40.53 12.15 -33.26
N LYS D 205 41.34 11.10 -33.14
CA LYS D 205 42.06 10.55 -34.27
C LYS D 205 41.17 9.71 -35.17
N CYS D 206 40.17 9.07 -34.57
CA CYS D 206 39.24 8.23 -35.31
C CYS D 206 38.19 9.05 -36.04
N ASP D 207 37.55 8.44 -37.03
CA ASP D 207 36.51 9.11 -37.80
C ASP D 207 35.19 9.15 -37.04
N LEU D 208 34.25 9.95 -37.52
CA LEU D 208 32.95 10.08 -36.86
C LEU D 208 31.83 9.45 -37.67
N VAL D 209 32.07 9.18 -38.94
CA VAL D 209 31.19 8.36 -39.77
C VAL D 209 30.80 7.08 -39.03
N MET D 210 31.79 6.45 -38.38
CA MET D 210 31.63 5.19 -37.65
C MET D 210 31.10 5.37 -36.23
N LEU D 211 31.54 6.43 -35.54
CA LEU D 211 31.02 6.73 -34.22
C LEU D 211 29.53 7.06 -34.25
N LEU D 212 29.05 7.64 -35.36
CA LEU D 212 27.61 7.85 -35.53
C LEU D 212 26.84 6.55 -35.74
N LYS D 213 27.47 5.58 -36.40
CA LYS D 213 26.78 4.32 -36.69
C LYS D 213 26.74 3.41 -35.46
N ARG D 214 27.87 3.28 -34.77
CA ARG D 214 27.92 2.44 -33.59
C ARG D 214 27.36 3.06 -32.32
N PHE D 215 27.28 4.39 -32.23
CA PHE D 215 26.71 5.04 -31.06
C PHE D 215 25.57 5.99 -31.36
N GLY D 216 25.29 6.24 -32.64
CA GLY D 216 24.18 7.12 -32.97
C GLY D 216 24.38 8.52 -32.47
N LYS D 217 23.34 9.07 -31.85
CA LYS D 217 23.34 10.42 -31.30
C LYS D 217 24.49 10.66 -30.34
N PHE D 218 24.82 9.61 -29.59
CA PHE D 218 25.81 9.73 -28.52
C PHE D 218 27.22 9.75 -29.08
N GLY D 219 27.45 9.17 -30.25
CA GLY D 219 28.74 9.29 -30.92
C GLY D 219 29.08 10.71 -31.32
N ARG D 220 28.06 11.49 -31.68
CA ARG D 220 28.27 12.88 -32.02
C ARG D 220 28.81 13.63 -30.80
N ILE D 221 28.15 13.48 -29.65
CA ILE D 221 28.54 14.21 -28.44
C ILE D 221 29.87 13.71 -27.90
N LEU D 222 30.13 12.41 -28.07
CA LEU D 222 31.46 11.86 -27.81
C LEU D 222 32.52 12.55 -28.67
N TRP D 223 32.32 12.55 -30.00
CA TRP D 223 33.29 13.18 -30.89
C TRP D 223 33.51 14.63 -30.52
N GLU D 224 32.51 15.14 -30.04
CA GLU D 224 32.55 16.44 -29.88
C GLU D 224 32.86 16.98 -28.68
N ARG D 225 33.08 16.25 -27.65
CA ARG D 225 33.15 16.93 -26.41
C ARG D 225 34.46 16.88 -26.15
N SER D 226 35.13 16.18 -26.98
CA SER D 226 36.48 15.94 -27.03
C SER D 226 37.11 17.04 -27.72
N GLN D 227 36.44 17.66 -28.67
CA GLN D 227 36.97 18.75 -29.29
C GLN D 227 36.27 19.75 -28.58
N GLY D 228 36.87 20.22 -27.59
CA GLY D 228 36.35 21.33 -26.84
C GLY D 228 34.87 21.57 -26.96
N ILE D 229 34.26 21.08 -27.98
CA ILE D 229 32.97 21.60 -28.24
C ILE D 229 31.81 21.21 -27.42
N ASP D 230 31.48 22.15 -26.61
CA ASP D 230 30.17 21.93 -26.00
C ASP D 230 29.32 23.15 -26.20
N GLU D 231 28.37 23.08 -27.14
CA GLU D 231 27.52 24.23 -27.44
C GLU D 231 26.47 24.53 -26.40
N ARG D 232 26.22 23.60 -25.47
CA ARG D 232 25.05 23.72 -24.59
C ARG D 232 25.12 25.00 -23.78
N ASP D 233 23.96 25.58 -23.51
CA ASP D 233 23.85 26.88 -22.86
C ASP D 233 23.29 26.73 -21.45
N VAL D 234 23.78 27.53 -20.53
CA VAL D 234 23.32 27.42 -19.14
C VAL D 234 21.87 27.83 -19.09
N ASN D 235 20.99 26.86 -18.87
CA ASN D 235 19.56 26.99 -19.10
C ASN D 235 18.93 28.14 -18.29
N SER D 236 18.91 27.95 -16.97
CA SER D 236 18.27 28.81 -15.96
C SER D 236 16.75 28.61 -15.77
N GLU D 237 16.06 27.91 -16.68
CA GLU D 237 14.59 27.84 -16.66
C GLU D 237 13.92 26.51 -16.99
N ARG D 238 14.66 25.40 -16.98
CA ARG D 238 14.02 24.09 -17.14
C ARG D 238 13.37 23.65 -15.84
N LEU D 239 12.24 22.96 -15.95
CA LEU D 239 11.44 22.58 -14.78
C LEU D 239 11.38 21.08 -14.65
N ARG D 240 11.14 20.59 -13.44
CA ARG D 240 10.93 19.16 -13.23
C ARG D 240 9.74 18.66 -14.07
N LYS D 241 9.93 17.53 -14.72
CA LYS D 241 8.99 17.03 -15.72
C LYS D 241 8.36 15.68 -15.35
N SER D 242 8.46 15.28 -14.07
CA SER D 242 7.82 14.07 -13.58
C SER D 242 8.04 13.97 -12.08
N VAL D 243 7.10 13.31 -11.41
CA VAL D 243 7.15 13.06 -9.97
C VAL D 243 6.90 11.58 -9.80
N GLY D 244 7.85 10.88 -9.15
CA GLY D 244 7.65 9.50 -8.79
C GLY D 244 7.74 9.30 -7.29
N VAL D 245 7.17 8.20 -6.83
CA VAL D 245 7.37 7.69 -5.48
C VAL D 245 7.53 6.18 -5.57
N GLU D 246 8.71 5.67 -5.18
CA GLU D 246 9.07 4.24 -5.24
C GLU D 246 9.49 3.79 -3.86
N ARG D 247 9.32 2.50 -3.54
CA ARG D 247 9.79 1.92 -2.27
C ARG D 247 10.20 0.47 -2.45
N THR D 248 11.46 0.17 -2.10
CA THR D 248 11.99 -1.20 -1.92
C THR D 248 11.66 -1.68 -0.51
N MET D 249 11.02 -2.85 -0.42
CA MET D 249 10.63 -3.40 0.87
C MET D 249 11.64 -4.40 1.41
N ALA D 250 11.68 -4.50 2.74
CA ALA D 250 12.66 -5.33 3.44
C ALA D 250 12.57 -6.81 3.05
N GLU D 251 11.37 -7.29 2.78
CA GLU D 251 11.14 -8.68 2.36
C GLU D 251 10.28 -8.68 1.11
N ASP D 252 10.59 -9.57 0.17
CA ASP D 252 9.82 -9.76 -1.05
C ASP D 252 8.36 -10.10 -0.73
N ILE D 253 7.44 -9.46 -1.46
CA ILE D 253 6.01 -9.73 -1.35
C ILE D 253 5.56 -10.69 -2.42
N HIS D 254 4.63 -11.59 -2.08
CA HIS D 254 4.13 -12.61 -2.98
C HIS D 254 2.61 -12.58 -3.16
N HIS D 255 1.93 -11.64 -2.52
CA HIS D 255 0.48 -11.53 -2.56
C HIS D 255 0.08 -10.18 -3.17
N TRP D 256 -1.03 -10.18 -3.90
CA TRP D 256 -1.60 -8.96 -4.44
C TRP D 256 -2.17 -8.08 -3.33
N SER D 257 -2.58 -8.70 -2.22
CA SER D 257 -3.03 -7.93 -1.04
C SER D 257 -1.88 -7.07 -0.55
N GLU D 258 -0.68 -7.66 -0.36
CA GLU D 258 0.48 -6.90 0.09
C GLU D 258 0.83 -5.79 -0.93
N CYS D 259 0.67 -6.06 -2.23
CA CYS D 259 1.12 -5.12 -3.24
C CYS D 259 0.22 -3.89 -3.30
N GLU D 260 -1.07 -4.12 -3.39
CA GLU D 260 -1.99 -2.99 -3.43
C GLU D 260 -2.04 -2.22 -2.11
N ALA D 261 -1.86 -2.89 -0.98
CA ALA D 261 -1.83 -2.18 0.30
C ALA D 261 -0.66 -1.22 0.35
N ILE D 262 0.40 -1.53 -0.37
CA ILE D 262 1.56 -0.62 -0.46
C ILE D 262 1.24 0.54 -1.36
N ILE D 263 0.50 0.27 -2.42
CA ILE D 263 0.17 1.32 -3.40
C ILE D 263 -0.61 2.45 -2.77
N GLU D 264 -1.52 2.12 -1.87
CA GLU D 264 -2.30 3.12 -1.21
C GLU D 264 -1.47 4.01 -0.32
N ARG D 265 -0.58 3.41 0.45
CA ARG D 265 0.28 4.19 1.32
C ARG D 265 1.12 5.11 0.44
N LEU D 266 1.53 4.62 -0.72
CA LEU D 266 2.38 5.40 -1.61
C LEU D 266 1.65 6.57 -2.23
N TYR D 267 0.32 6.52 -2.24
CA TYR D 267 -0.46 7.49 -3.00
C TYR D 267 -0.53 8.86 -2.34
N PRO D 268 -0.92 8.98 -1.03
CA PRO D 268 -0.89 10.29 -0.40
C PRO D 268 0.42 11.06 -0.61
N GLU D 269 1.54 10.36 -0.49
CA GLU D 269 2.83 10.97 -0.78
C GLU D 269 2.85 11.49 -2.21
N LEU D 270 2.55 10.60 -3.16
CA LEU D 270 2.44 11.02 -4.54
C LEU D 270 1.53 12.21 -4.70
N GLU D 271 0.46 12.29 -3.90
CA GLU D 271 -0.50 13.41 -4.07
C GLU D 271 -0.03 14.65 -3.33
N ARG D 272 0.51 14.50 -2.11
CA ARG D 272 1.08 15.64 -1.39
C ARG D 272 2.33 16.17 -2.08
N ARG D 273 3.13 15.27 -2.65
CA ARG D 273 4.28 15.71 -3.47
C ARG D 273 3.81 16.48 -4.69
N LEU D 274 2.79 15.96 -5.36
CA LEU D 274 2.29 16.60 -6.56
C LEU D 274 1.45 17.84 -6.22
N ALA D 275 0.78 17.84 -5.07
CA ALA D 275 0.00 18.99 -4.64
C ALA D 275 0.88 20.24 -4.44
N LYS D 276 2.16 20.03 -4.11
CA LYS D 276 3.05 21.16 -3.88
C LYS D 276 3.40 21.91 -5.17
N VAL D 277 3.21 21.30 -6.33
CA VAL D 277 3.47 21.93 -7.62
C VAL D 277 2.18 22.11 -8.44
N LYS D 278 1.24 21.18 -8.30
CA LYS D 278 -0.06 21.29 -8.97
C LYS D 278 -1.15 21.02 -7.95
N PRO D 279 -1.65 22.08 -7.30
CA PRO D 279 -2.68 21.92 -6.26
C PRO D 279 -3.96 21.28 -6.77
N ASP D 280 -4.23 21.46 -8.05
CA ASP D 280 -5.38 20.83 -8.69
C ASP D 280 -5.08 19.40 -9.14
N LEU D 281 -3.80 19.00 -9.07
CA LEU D 281 -3.32 17.65 -9.43
C LEU D 281 -3.59 17.27 -10.90
N LEU D 282 -3.59 18.24 -11.79
CA LEU D 282 -3.78 17.93 -13.21
C LEU D 282 -2.48 17.49 -13.81
N ILE D 283 -2.52 16.39 -14.54
CA ILE D 283 -1.28 15.72 -15.00
C ILE D 283 -1.39 15.46 -16.49
N ALA D 284 -0.45 14.68 -17.04
CA ALA D 284 -0.50 14.21 -18.43
C ALA D 284 -0.50 12.70 -18.59
N ARG D 285 0.32 12.00 -17.79
CA ARG D 285 0.37 10.51 -17.76
C ARG D 285 0.69 10.03 -16.36
N GLN D 286 0.01 8.97 -15.94
CA GLN D 286 0.27 8.29 -14.69
C GLN D 286 0.46 6.80 -14.92
N GLY D 287 1.15 6.15 -14.02
CA GLY D 287 1.43 4.73 -14.14
C GLY D 287 2.19 4.18 -12.96
N VAL D 288 2.41 2.88 -13.00
CA VAL D 288 3.07 2.17 -11.89
C VAL D 288 4.36 1.45 -12.33
N LYS D 289 5.11 0.93 -11.38
CA LYS D 289 6.41 0.37 -11.65
C LYS D 289 6.73 -0.76 -10.69
N LEU D 290 7.06 -1.94 -11.23
CA LEU D 290 7.44 -3.06 -10.38
C LEU D 290 8.89 -3.47 -10.63
N LYS D 291 9.62 -3.72 -9.56
CA LYS D 291 10.97 -4.32 -9.64
C LYS D 291 10.92 -5.70 -9.03
N PHE D 292 11.11 -6.73 -9.86
CA PHE D 292 11.07 -8.11 -9.37
C PHE D 292 12.45 -8.47 -8.74
N ASP D 293 12.68 -9.71 -8.40
CA ASP D 293 13.99 -10.13 -7.89
C ASP D 293 15.07 -10.43 -8.96
N ASP D 294 14.70 -10.96 -10.12
CA ASP D 294 15.67 -11.00 -11.21
C ASP D 294 16.05 -9.58 -11.67
N PHE D 295 15.42 -8.57 -11.06
CA PHE D 295 15.69 -7.13 -11.16
C PHE D 295 15.20 -6.47 -12.45
N GLN D 296 14.63 -7.24 -13.37
CA GLN D 296 14.12 -6.61 -14.60
C GLN D 296 12.90 -5.81 -14.24
N GLN D 297 13.08 -4.51 -14.14
CA GLN D 297 12.04 -3.59 -13.82
C GLN D 297 10.99 -3.60 -14.92
N THR D 298 9.74 -3.38 -14.55
CA THR D 298 8.76 -3.07 -15.56
C THR D 298 7.97 -1.82 -15.19
N THR D 299 7.66 -1.05 -16.22
CA THR D 299 6.81 0.12 -16.12
C THR D 299 5.58 -0.11 -16.95
N GLN D 300 4.46 0.41 -16.45
CA GLN D 300 3.23 0.55 -17.23
C GLN D 300 2.69 1.93 -16.93
N GLU D 301 2.70 2.80 -17.93
CA GLU D 301 2.00 4.08 -17.83
C GLU D 301 1.20 4.34 -19.09
N HIS D 302 0.11 5.07 -18.91
CA HIS D 302 -0.79 5.46 -19.99
C HIS D 302 -1.04 6.97 -19.90
N VAL D 303 -1.51 7.54 -21.00
CA VAL D 303 -1.97 8.93 -21.00
C VAL D 303 -3.23 9.04 -20.11
N TRP D 304 -3.27 10.08 -19.28
CA TRP D 304 -4.30 10.18 -18.24
C TRP D 304 -4.32 11.58 -17.62
N PRO D 305 -5.51 12.13 -17.37
CA PRO D 305 -5.60 13.54 -17.00
C PRO D 305 -5.33 13.94 -15.54
N ARG D 306 -5.76 13.15 -14.54
CA ARG D 306 -5.58 13.54 -13.13
C ARG D 306 -5.17 12.36 -12.26
N LEU D 307 -4.26 12.61 -11.33
CA LEU D 307 -3.71 11.56 -10.49
C LEU D 307 -4.80 10.83 -9.74
N ASN D 308 -5.21 9.70 -10.31
CA ASN D 308 -6.33 8.92 -9.81
C ASN D 308 -5.81 7.66 -9.16
N LYS D 309 -6.06 7.50 -7.87
CA LYS D 309 -5.68 6.28 -7.15
C LYS D 309 -6.33 5.05 -7.74
N ALA D 310 -7.61 5.16 -8.07
CA ALA D 310 -8.38 4.02 -8.60
C ALA D 310 -7.75 3.49 -9.90
N ASP D 311 -7.29 4.39 -10.76
CA ASP D 311 -6.72 3.99 -12.03
C ASP D 311 -5.40 3.26 -11.81
N LEU D 312 -4.60 3.71 -10.83
CA LEU D 312 -3.32 3.07 -10.58
C LEU D 312 -3.48 1.62 -10.13
N ILE D 313 -4.37 1.37 -9.17
CA ILE D 313 -4.58 0.01 -8.66
C ILE D 313 -5.03 -0.90 -9.79
N ALA D 314 -5.79 -0.37 -10.72
CA ALA D 314 -6.27 -1.15 -11.88
C ALA D 314 -5.09 -1.51 -12.82
N THR D 315 -4.20 -0.55 -13.07
CA THR D 315 -3.06 -0.82 -13.94
C THR D 315 -1.99 -1.66 -13.21
N ALA D 316 -1.71 -1.32 -11.96
CA ALA D 316 -0.78 -2.14 -11.19
C ALA D 316 -1.29 -3.58 -11.06
N ARG D 317 -2.62 -3.77 -10.98
CA ARG D 317 -3.14 -5.13 -10.95
C ARG D 317 -2.74 -5.85 -12.22
N LYS D 318 -3.01 -5.24 -13.35
CA LYS D 318 -2.81 -5.89 -14.62
C LYS D 318 -1.31 -6.15 -14.88
N THR D 319 -0.47 -5.20 -14.48
CA THR D 319 0.96 -5.45 -14.54
C THR D 319 1.38 -6.65 -13.65
N TRP D 320 0.86 -6.68 -12.42
CA TRP D 320 1.14 -7.79 -11.51
C TRP D 320 0.65 -9.13 -12.08
N ASP D 321 -0.38 -9.10 -12.90
CA ASP D 321 -0.98 -10.32 -13.40
C ASP D 321 -0.32 -10.89 -14.64
N GLU D 322 0.02 -10.01 -15.59
CA GLU D 322 0.50 -10.46 -16.88
C GLU D 322 2.00 -10.31 -17.07
N ARG D 323 2.71 -9.76 -16.09
CA ARG D 323 4.12 -9.51 -16.26
C ARG D 323 5.02 -9.96 -15.10
N ARG D 324 4.45 -10.63 -14.10
CA ARG D 324 5.23 -11.00 -12.95
C ARG D 324 5.93 -12.35 -13.16
N GLY D 325 5.43 -13.18 -14.05
CA GLY D 325 5.92 -14.55 -14.02
C GLY D 325 5.37 -15.17 -12.75
N GLY D 326 6.27 -15.69 -11.96
CA GLY D 326 5.89 -16.06 -10.59
C GLY D 326 6.75 -15.31 -9.61
N ARG D 327 7.55 -14.39 -10.15
CA ARG D 327 8.63 -13.73 -9.41
C ARG D 327 8.09 -12.95 -8.20
N GLY D 328 8.90 -12.89 -7.19
CA GLY D 328 8.61 -12.02 -6.09
C GLY D 328 8.91 -10.58 -6.45
N VAL D 329 8.32 -9.68 -5.67
CA VAL D 329 8.38 -8.26 -5.98
C VAL D 329 9.01 -7.58 -4.81
N ARG D 330 10.10 -6.86 -5.07
CA ARG D 330 10.83 -6.16 -4.03
C ARG D 330 10.53 -4.67 -4.02
N LEU D 331 10.06 -4.11 -5.15
CA LEU D 331 9.81 -2.69 -5.21
C LEU D 331 8.52 -2.38 -5.94
N VAL D 332 7.76 -1.43 -5.39
CA VAL D 332 6.53 -0.90 -5.95
C VAL D 332 6.71 0.62 -6.14
N GLY D 333 6.32 1.11 -7.29
CA GLY D 333 6.53 2.50 -7.63
C GLY D 333 5.34 3.12 -8.30
N LEU D 334 4.90 4.27 -7.77
CA LEU D 334 3.89 5.14 -8.41
C LEU D 334 4.59 6.32 -9.08
N HIS D 335 4.34 6.48 -10.36
CA HIS D 335 5.07 7.50 -11.12
C HIS D 335 4.13 8.28 -12.07
N VAL D 336 4.40 9.58 -12.19
CA VAL D 336 3.59 10.50 -13.00
C VAL D 336 4.47 11.24 -14.00
N THR D 337 3.83 11.78 -15.03
CA THR D 337 4.48 12.64 -16.02
C THR D 337 3.61 13.87 -16.23
N LEU D 338 4.22 15.05 -16.07
CA LEU D 338 3.56 16.35 -16.07
C LEU D 338 3.17 16.80 -17.48
N LEU D 339 2.57 18.00 -17.60
CA LEU D 339 2.28 18.58 -18.90
C LEU D 339 3.39 19.52 -19.39
N ASP D 340 3.30 19.89 -20.66
CA ASP D 340 4.38 20.52 -21.42
C ASP D 340 4.80 21.94 -21.07
N PRO D 341 4.06 22.63 -20.17
CA PRO D 341 4.78 23.82 -19.67
C PRO D 341 5.00 23.80 -18.15
O5' 2TM G . -22.34 -16.25 15.24
C5' 2TM G . -22.93 -17.54 15.49
C4' 2TM G . -22.54 -18.46 14.35
O4' 2TM G . -21.89 -17.78 13.28
C3' 2TM G . -21.59 -19.57 14.72
O3' 2TM G . -22.33 -20.64 15.35
C2' 2TM G . -20.97 -19.94 13.36
O2' 2TM G . -21.66 -20.94 12.66
C1' 2TM G . -21.11 -18.69 12.52
C5 2TM G . -18.38 -16.13 12.67
C6 2TM G . -19.54 -16.84 12.93
N1 2TM G . -19.85 -18.00 12.27
C2 2TM G . -19.13 -18.35 11.13
N3 2TM G . -18.03 -17.63 10.75
C4 2TM G . -17.61 -16.53 11.54
O3G 2TM G . -19.96 -14.78 21.27
PG 2TM G . -21.05 -15.69 20.73
O1G 2TM G . -22.08 -14.79 19.98
O2G 2TM G . -21.73 -16.53 21.75
O3B 2TM G . -20.45 -16.72 19.62
PB 2TM G . -21.26 -17.36 18.39
O1B 2TM G . -22.77 -17.24 18.45
O2B 2TM G . -20.91 -18.78 18.16
PA 2TM G . -21.53 -15.38 16.32
O1A 2TM G . -22.51 -14.76 17.29
O2A 2TM G . -20.66 -14.38 15.61
N4 2TM G . -16.46 -15.79 11.24
O2 2TM G . -19.55 -19.31 10.50
C1 2TM G . -20.66 -16.46 17.19
MN MN H . -23.99 -15.54 18.90
MN MN I . -24.66 -13.83 16.06
O5' 2TM J . 26.19 14.23 -4.47
C5' 2TM J . 25.78 14.83 -3.23
C4' 2TM J . 24.46 14.27 -2.74
O4' 2TM J . 23.79 13.52 -3.73
C3' 2TM J . 24.63 13.28 -1.62
O3' 2TM J . 24.57 14.00 -0.41
C2' 2TM J . 23.51 12.28 -1.76
O2' 2TM J . 22.43 12.64 -0.94
C1' 2TM J . 23.11 12.41 -3.20
C5 2TM J . 25.13 10.18 -5.38
C6 2TM J . 24.71 11.29 -4.67
N1 2TM J . 23.57 11.23 -3.92
C2 2TM J . 22.82 10.04 -3.88
N3 2TM J . 23.28 8.94 -4.53
C4 2TM J . 24.41 8.98 -5.30
O3G 2TM J . 32.60 14.10 -4.19
PG 2TM J . 31.58 14.95 -3.44
O1G 2TM J . 30.64 15.95 -4.14
O2G 2TM J . 32.28 15.80 -2.40
O3B 2TM J . 30.60 13.91 -2.69
PB 2TM J . 29.04 14.30 -2.38
O1B 2TM J . 28.84 15.86 -2.62
O2B 2TM J . 28.56 13.77 -1.04
PA 2TM J . 27.74 14.15 -4.87
O1A 2TM J . 28.37 15.67 -5.09
O2A 2TM J . 27.93 13.21 -6.03
N4 2TM J . 24.81 7.88 -5.94
O2 2TM J . 21.74 9.98 -3.32
C1 2TM J . 28.26 13.41 -3.50
MN MN K . 29.14 17.29 -4.02
MN MN L . 27.42 17.34 -6.37
#